data_6VRJ
#
_entry.id   6VRJ
#
_entity_poly.entity_id   1
_entity_poly.type   'polypeptide(L)'
_entity_poly.pdbx_seq_one_letter_code
;VAKKNQKQAQVKEIKFRPGTEEGDYQVKLRNLVRFLSEGDKAKVSLRFRGREMAHQELGMELLKRVEADLVEYGTVEQHP
KLEGRQLMMVIAPKKKK
;
_entity_poly.pdbx_strand_id   A
#
# COMPACT_ATOMS: atom_id res chain seq x y z
N VAL A 1 11.46 -17.76 12.23
CA VAL A 1 10.33 -18.61 11.77
C VAL A 1 9.82 -18.14 10.41
N ALA A 2 10.41 -18.66 9.37
CA ALA A 2 9.97 -18.25 8.01
C ALA A 2 10.53 -19.20 6.95
N LYS A 3 9.85 -19.28 5.84
CA LYS A 3 10.33 -20.18 4.76
C LYS A 3 10.61 -21.57 5.29
N LYS A 4 10.22 -21.82 6.51
CA LYS A 4 10.46 -23.15 7.10
C LYS A 4 9.37 -23.52 8.11
N ASN A 5 8.38 -22.67 8.21
CA ASN A 5 7.27 -22.95 9.16
C ASN A 5 6.34 -24.01 8.60
N GLN A 6 5.07 -23.88 8.91
CA GLN A 6 4.09 -24.89 8.41
C GLN A 6 3.38 -24.36 7.16
N LYS A 7 2.16 -23.90 7.34
CA LYS A 7 1.41 -23.38 6.18
C LYS A 7 2.18 -22.26 5.48
N GLN A 8 2.98 -21.56 6.24
CA GLN A 8 3.76 -20.45 5.63
C GLN A 8 2.86 -19.37 5.06
N ALA A 9 3.42 -18.22 4.81
CA ALA A 9 2.62 -17.11 4.25
C ALA A 9 3.45 -16.31 3.24
N GLN A 10 2.88 -15.27 2.71
CA GLN A 10 3.62 -14.45 1.73
C GLN A 10 3.03 -13.05 1.61
N VAL A 11 3.89 -12.06 1.57
CA VAL A 11 3.40 -10.67 1.46
C VAL A 11 2.81 -10.41 0.09
N LYS A 12 1.79 -9.58 0.09
CA LYS A 12 1.11 -9.23 -1.18
C LYS A 12 1.27 -7.74 -1.47
N GLU A 13 1.10 -7.37 -2.72
CA GLU A 13 1.23 -5.94 -3.11
C GLU A 13 0.05 -5.49 -3.96
N ILE A 14 -0.30 -4.23 -3.81
CA ILE A 14 -1.44 -3.70 -4.60
C ILE A 14 -1.07 -2.36 -5.22
N LYS A 15 -1.26 -2.27 -6.52
CA LYS A 15 -0.92 -1.00 -7.22
C LYS A 15 -2.10 -0.04 -7.21
N PHE A 16 -1.80 1.23 -7.25
CA PHE A 16 -2.88 2.26 -7.25
C PHE A 16 -2.63 3.28 -8.36
N ARG A 17 -3.67 4.01 -8.72
CA ARG A 17 -3.52 5.02 -9.79
C ARG A 17 -4.21 6.34 -9.38
N PRO A 18 -3.68 7.45 -9.84
CA PRO A 18 -4.26 8.77 -9.51
C PRO A 18 -5.68 8.90 -10.05
N GLY A 19 -6.34 9.95 -9.65
CA GLY A 19 -7.73 10.18 -10.14
C GLY A 19 -8.55 8.88 -10.08
N THR A 20 -8.40 8.15 -9.00
CA THR A 20 -9.17 6.88 -8.89
C THR A 20 -10.57 7.16 -8.33
N GLU A 21 -11.55 6.50 -8.90
CA GLU A 21 -12.95 6.71 -8.42
C GLU A 21 -13.16 6.10 -7.04
N GLU A 22 -14.08 6.66 -6.30
CA GLU A 22 -14.35 6.12 -4.94
C GLU A 22 -14.60 4.61 -4.98
N GLY A 23 -15.37 4.19 -5.94
CA GLY A 23 -15.67 2.72 -6.04
C GLY A 23 -14.37 1.91 -6.15
N ASP A 24 -13.56 2.26 -7.11
CA ASP A 24 -12.28 1.51 -7.29
C ASP A 24 -11.35 1.76 -6.10
N TYR A 25 -11.45 2.91 -5.51
CA TYR A 25 -10.59 3.23 -4.35
C TYR A 25 -11.05 2.46 -3.11
N GLN A 26 -12.31 2.13 -3.09
CA GLN A 26 -12.83 1.37 -1.92
C GLN A 26 -12.45 -0.10 -2.00
N VAL A 27 -12.86 -0.75 -3.07
CA VAL A 27 -12.52 -2.19 -3.20
C VAL A 27 -11.03 -2.40 -3.03
N LYS A 28 -10.24 -1.55 -3.63
CA LYS A 28 -8.78 -1.71 -3.49
C LYS A 28 -8.38 -1.62 -2.03
N LEU A 29 -8.90 -0.62 -1.35
CA LEU A 29 -8.56 -0.46 0.07
C LEU A 29 -8.89 -1.75 0.81
N ARG A 30 -10.06 -2.27 0.55
CA ARG A 30 -10.46 -3.53 1.23
C ARG A 30 -9.42 -4.61 0.98
N ASN A 31 -9.06 -4.79 -0.27
CA ASN A 31 -8.07 -5.83 -0.59
C ASN A 31 -6.82 -5.64 0.27
N LEU A 32 -6.20 -4.50 0.13
CA LEU A 32 -4.99 -4.23 0.94
C LEU A 32 -5.24 -4.59 2.40
N VAL A 33 -6.34 -4.10 2.90
CA VAL A 33 -6.68 -4.38 4.31
C VAL A 33 -6.86 -5.87 4.54
N ARG A 34 -7.66 -6.49 3.70
CA ARG A 34 -7.88 -7.95 3.87
C ARG A 34 -6.54 -8.65 4.12
N PHE A 35 -5.51 -8.18 3.47
CA PHE A 35 -4.19 -8.82 3.66
C PHE A 35 -3.71 -8.55 5.08
N LEU A 36 -3.93 -7.35 5.54
CA LEU A 36 -3.50 -7.01 6.92
C LEU A 36 -4.35 -7.74 7.95
N SER A 37 -5.64 -7.64 7.79
CA SER A 37 -6.55 -8.31 8.74
C SER A 37 -6.09 -9.73 9.01
N GLU A 38 -5.97 -10.51 7.97
CA GLU A 38 -5.52 -11.92 8.15
C GLU A 38 -4.28 -11.98 9.04
N GLY A 39 -3.34 -11.11 8.77
CA GLY A 39 -2.08 -11.08 9.58
C GLY A 39 -0.86 -11.08 8.67
N ASP A 40 -1.11 -10.95 7.39
CA ASP A 40 0.01 -10.93 6.42
C ASP A 40 0.48 -9.49 6.17
N LYS A 41 1.63 -9.37 5.55
CA LYS A 41 2.15 -8.02 5.27
C LYS A 41 1.64 -7.50 3.93
N ALA A 42 1.64 -6.21 3.76
CA ALA A 42 1.16 -5.64 2.47
C ALA A 42 1.84 -4.31 2.15
N LYS A 43 2.12 -4.11 0.90
CA LYS A 43 2.78 -2.84 0.47
C LYS A 43 2.05 -2.23 -0.72
N VAL A 44 2.02 -0.92 -0.77
CA VAL A 44 1.32 -0.23 -1.89
C VAL A 44 2.33 0.43 -2.82
N SER A 45 1.98 0.47 -4.08
CA SER A 45 2.90 1.10 -5.07
C SER A 45 2.13 1.99 -6.04
N LEU A 46 2.55 3.23 -6.14
CA LEU A 46 1.86 4.18 -7.06
C LEU A 46 2.63 4.34 -8.36
N ARG A 47 2.00 4.02 -9.45
CA ARG A 47 2.67 4.14 -10.78
C ARG A 47 2.12 5.33 -11.56
N PHE A 48 3.01 6.19 -12.01
CA PHE A 48 2.55 7.37 -12.79
C PHE A 48 2.58 7.08 -14.28
N ARG A 49 1.76 7.79 -15.01
CA ARG A 49 1.71 7.57 -16.49
C ARG A 49 1.65 8.90 -17.22
N GLY A 50 2.55 9.10 -18.14
CA GLY A 50 2.55 10.38 -18.90
C GLY A 50 3.17 11.50 -18.05
N ARG A 51 2.36 12.44 -17.67
CA ARG A 51 2.87 13.55 -16.84
C ARG A 51 2.92 13.14 -15.37
N GLU A 52 4.09 12.80 -14.91
CA GLU A 52 4.22 12.39 -13.49
C GLU A 52 4.12 13.60 -12.56
N MET A 53 4.42 14.75 -13.07
CA MET A 53 4.36 15.97 -12.23
C MET A 53 3.04 16.01 -11.47
N ALA A 54 1.96 16.02 -12.18
CA ALA A 54 0.64 16.06 -11.52
C ALA A 54 0.49 14.88 -10.58
N HIS A 55 0.93 13.74 -11.02
CA HIS A 55 0.81 12.54 -10.17
C HIS A 55 1.79 12.61 -9.00
N GLN A 56 2.81 13.42 -9.16
CA GLN A 56 3.81 13.55 -8.08
C GLN A 56 3.19 14.21 -6.85
N GLU A 57 2.60 15.36 -7.06
CA GLU A 57 1.98 16.07 -5.91
C GLU A 57 0.69 15.38 -5.48
N LEU A 58 0.01 14.78 -6.41
CA LEU A 58 -1.25 14.09 -6.06
C LEU A 58 -0.95 12.70 -5.52
N GLY A 59 0.02 12.05 -6.11
CA GLY A 59 0.37 10.69 -5.64
C GLY A 59 0.96 10.75 -4.23
N MET A 60 1.58 11.85 -3.91
CA MET A 60 2.17 11.99 -2.56
C MET A 60 1.07 12.25 -1.55
N GLU A 61 0.25 13.21 -1.84
CA GLU A 61 -0.84 13.52 -0.90
C GLU A 61 -1.74 12.31 -0.71
N LEU A 62 -1.71 11.41 -1.68
CA LEU A 62 -2.55 10.20 -1.58
C LEU A 62 -2.00 9.26 -0.52
N LEU A 63 -0.81 8.77 -0.74
CA LEU A 63 -0.21 7.84 0.25
C LEU A 63 -0.41 8.36 1.67
N LYS A 64 -0.23 9.64 1.85
CA LYS A 64 -0.41 10.22 3.20
C LYS A 64 -1.82 9.97 3.73
N ARG A 65 -2.80 10.28 2.93
CA ARG A 65 -4.20 10.06 3.38
C ARG A 65 -4.48 8.58 3.46
N VAL A 66 -4.00 7.88 2.48
CA VAL A 66 -4.22 6.44 2.45
C VAL A 66 -3.57 5.79 3.66
N GLU A 67 -2.34 6.18 3.93
CA GLU A 67 -1.63 5.59 5.09
C GLU A 67 -2.51 5.69 6.33
N ALA A 68 -3.11 6.84 6.52
CA ALA A 68 -3.97 7.01 7.71
C ALA A 68 -5.19 6.10 7.61
N ASP A 69 -5.81 6.10 6.47
CA ASP A 69 -7.01 5.24 6.31
C ASP A 69 -6.70 3.85 6.81
N LEU A 70 -5.42 3.52 6.80
CA LEU A 70 -5.02 2.17 7.28
C LEU A 70 -4.56 2.24 8.71
N VAL A 71 -4.04 3.37 9.12
CA VAL A 71 -3.58 3.48 10.52
C VAL A 71 -4.64 2.94 11.45
N GLU A 72 -5.86 2.92 10.98
CA GLU A 72 -6.96 2.41 11.84
C GLU A 72 -7.04 0.89 11.77
N TYR A 73 -6.49 0.33 10.71
CA TYR A 73 -6.51 -1.15 10.56
C TYR A 73 -5.11 -1.68 10.27
N GLY A 74 -4.14 -0.85 10.48
CA GLY A 74 -2.74 -1.28 10.23
C GLY A 74 -1.76 -0.22 10.73
N THR A 75 -0.52 -0.39 10.41
CA THR A 75 0.49 0.60 10.85
C THR A 75 1.61 0.72 9.83
N VAL A 76 2.33 1.80 9.89
CA VAL A 76 3.43 1.99 8.93
C VAL A 76 4.71 1.34 9.45
N GLU A 77 5.29 0.50 8.63
CA GLU A 77 6.55 -0.19 9.04
C GLU A 77 7.73 0.41 8.29
N GLN A 78 7.42 1.08 7.22
CA GLN A 78 8.48 1.70 6.41
C GLN A 78 7.96 2.97 5.74
N HIS A 79 8.39 4.10 6.23
CA HIS A 79 7.93 5.37 5.63
C HIS A 79 8.13 5.35 4.11
N PRO A 80 7.22 6.00 3.39
CA PRO A 80 7.30 6.05 1.93
C PRO A 80 8.62 6.67 1.47
N LYS A 81 9.00 6.34 0.27
CA LYS A 81 10.26 6.90 -0.25
C LYS A 81 10.23 6.93 -1.76
N LEU A 82 11.02 7.78 -2.32
CA LEU A 82 11.05 7.88 -3.79
C LEU A 82 12.07 6.90 -4.38
N GLU A 83 11.63 6.10 -5.31
CA GLU A 83 12.55 5.11 -5.94
C GLU A 83 12.44 5.15 -7.45
N GLY A 84 13.53 5.47 -8.11
CA GLY A 84 13.50 5.53 -9.59
C GLY A 84 12.43 6.50 -10.07
N ARG A 85 11.33 5.94 -10.55
CA ARG A 85 10.22 6.80 -11.05
C ARG A 85 8.89 6.33 -10.49
N GLN A 86 8.96 5.57 -9.42
CA GLN A 86 7.71 5.06 -8.79
C GLN A 86 7.73 5.26 -7.28
N LEU A 87 6.56 5.40 -6.72
CA LEU A 87 6.46 5.60 -5.26
C LEU A 87 6.01 4.30 -4.60
N MET A 88 6.51 4.03 -3.43
CA MET A 88 6.12 2.77 -2.75
C MET A 88 5.99 2.94 -1.25
N MET A 89 4.97 2.33 -0.69
CA MET A 89 4.73 2.41 0.77
C MET A 89 4.62 1.02 1.35
N VAL A 90 4.94 0.89 2.61
CA VAL A 90 4.86 -0.45 3.26
C VAL A 90 3.96 -0.42 4.48
N ILE A 91 2.90 -1.20 4.43
CA ILE A 91 1.96 -1.26 5.57
C ILE A 91 2.09 -2.58 6.34
N ALA A 92 2.16 -2.48 7.65
CA ALA A 92 2.29 -3.72 8.47
C ALA A 92 0.95 -4.06 9.15
N PRO A 93 0.73 -5.32 9.42
CA PRO A 93 -0.50 -5.77 10.06
C PRO A 93 -0.66 -5.19 11.46
N LYS A 94 -1.86 -4.82 11.81
CA LYS A 94 -2.07 -4.23 13.15
C LYS A 94 -1.86 -5.28 14.22
N LYS A 95 -0.63 -5.48 14.61
CA LYS A 95 -0.35 -6.49 15.66
C LYS A 95 0.95 -6.15 16.40
N LYS A 96 0.94 -6.35 17.68
CA LYS A 96 2.16 -6.03 18.48
C LYS A 96 2.64 -4.62 18.20
N LYS A 97 3.79 -4.29 18.73
CA LYS A 97 4.32 -2.92 18.50
C LYS A 97 5.24 -2.89 17.29
N VAL A 1 -0.32 -32.92 0.70
CA VAL A 1 0.73 -33.62 1.49
C VAL A 1 2.01 -33.76 0.67
N ALA A 2 3.09 -33.27 1.21
CA ALA A 2 4.38 -33.37 0.48
C ALA A 2 4.36 -32.52 -0.80
N LYS A 3 5.09 -31.45 -0.78
CA LYS A 3 5.13 -30.57 -1.97
C LYS A 3 3.80 -29.85 -2.15
N LYS A 4 3.88 -28.54 -2.33
CA LYS A 4 2.64 -27.73 -2.52
C LYS A 4 1.49 -28.27 -1.68
N ASN A 5 1.82 -28.83 -0.55
CA ASN A 5 0.75 -29.38 0.33
C ASN A 5 0.27 -28.33 1.32
N GLN A 6 1.06 -27.28 1.46
CA GLN A 6 0.68 -26.20 2.41
C GLN A 6 0.20 -24.96 1.65
N LYS A 7 -0.93 -24.45 2.04
CA LYS A 7 -1.47 -23.25 1.36
C LYS A 7 -0.99 -21.98 2.04
N GLN A 8 -1.33 -21.84 3.29
CA GLN A 8 -0.89 -20.63 4.04
C GLN A 8 -1.08 -19.39 3.20
N ALA A 9 -0.32 -18.37 3.52
CA ALA A 9 -0.44 -17.10 2.76
C ALA A 9 0.94 -16.48 2.55
N GLN A 10 1.00 -15.47 1.74
CA GLN A 10 2.30 -14.80 1.48
C GLN A 10 2.10 -13.30 1.33
N VAL A 11 3.15 -12.64 0.94
CA VAL A 11 3.05 -11.17 0.76
C VAL A 11 2.15 -10.81 -0.40
N LYS A 12 1.45 -9.73 -0.24
CA LYS A 12 0.53 -9.25 -1.31
C LYS A 12 0.87 -7.83 -1.70
N GLU A 13 0.55 -7.48 -2.92
CA GLU A 13 0.84 -6.10 -3.38
C GLU A 13 -0.28 -5.58 -4.26
N ILE A 14 -0.71 -4.37 -3.99
CA ILE A 14 -1.81 -3.78 -4.80
C ILE A 14 -1.27 -2.64 -5.64
N LYS A 15 -1.22 -2.84 -6.93
CA LYS A 15 -0.72 -1.77 -7.82
C LYS A 15 -1.86 -1.06 -8.53
N PHE A 16 -1.79 0.24 -8.60
CA PHE A 16 -2.87 0.98 -9.28
C PHE A 16 -2.37 2.29 -9.89
N ARG A 17 -3.12 2.80 -10.81
CA ARG A 17 -2.74 4.07 -11.48
C ARG A 17 -3.24 5.27 -10.64
N PRO A 18 -2.40 6.28 -10.47
CA PRO A 18 -2.79 7.46 -9.70
C PRO A 18 -4.13 8.01 -10.18
N GLY A 19 -4.65 7.42 -11.21
CA GLY A 19 -5.96 7.90 -11.74
C GLY A 19 -7.10 7.06 -11.15
N THR A 20 -6.85 6.49 -10.01
CA THR A 20 -7.90 5.65 -9.37
C THR A 20 -9.25 6.33 -9.44
N GLU A 21 -10.29 5.52 -9.50
CA GLU A 21 -11.66 6.08 -9.59
C GLU A 21 -12.50 5.64 -8.40
N GLU A 22 -13.73 6.09 -8.36
CA GLU A 22 -14.61 5.70 -7.23
C GLU A 22 -14.56 4.19 -6.98
N GLY A 23 -14.80 3.44 -8.03
CA GLY A 23 -14.77 1.97 -7.88
C GLY A 23 -13.37 1.48 -7.50
N ASP A 24 -12.41 1.85 -8.30
CA ASP A 24 -11.02 1.41 -8.00
C ASP A 24 -10.59 1.83 -6.61
N TYR A 25 -11.16 2.90 -6.13
CA TYR A 25 -10.79 3.37 -4.77
C TYR A 25 -11.39 2.46 -3.69
N GLN A 26 -12.59 2.01 -3.92
CA GLN A 26 -13.25 1.12 -2.92
C GLN A 26 -12.54 -0.23 -2.84
N VAL A 27 -12.42 -0.88 -3.96
CA VAL A 27 -11.75 -2.21 -3.97
C VAL A 27 -10.34 -2.12 -3.40
N LYS A 28 -9.65 -1.06 -3.72
CA LYS A 28 -8.26 -0.91 -3.21
C LYS A 28 -8.24 -0.92 -1.69
N LEU A 29 -8.93 0.02 -1.09
CA LEU A 29 -8.95 0.07 0.38
C LEU A 29 -9.45 -1.25 0.96
N ARG A 30 -10.25 -1.94 0.19
CA ARG A 30 -10.79 -3.23 0.68
C ARG A 30 -9.68 -4.27 0.79
N ASN A 31 -8.86 -4.34 -0.23
CA ASN A 31 -7.77 -5.34 -0.20
C ASN A 31 -6.72 -4.94 0.84
N LEU A 32 -6.14 -3.79 0.67
CA LEU A 32 -5.11 -3.34 1.64
C LEU A 32 -5.59 -3.57 3.07
N VAL A 33 -6.81 -3.20 3.33
CA VAL A 33 -7.35 -3.39 4.70
C VAL A 33 -7.48 -4.86 5.05
N ARG A 34 -7.95 -5.63 4.11
CA ARG A 34 -8.10 -7.08 4.37
C ARG A 34 -6.75 -7.75 4.54
N PHE A 35 -5.75 -7.19 3.90
CA PHE A 35 -4.40 -7.77 4.01
C PHE A 35 -3.87 -7.66 5.44
N LEU A 36 -3.91 -6.46 5.97
CA LEU A 36 -3.43 -6.27 7.36
C LEU A 36 -4.26 -7.07 8.35
N SER A 37 -5.54 -7.06 8.15
CA SER A 37 -6.43 -7.82 9.07
C SER A 37 -6.04 -9.28 9.12
N GLU A 38 -5.68 -9.83 7.99
CA GLU A 38 -5.28 -11.25 7.96
C GLU A 38 -3.98 -11.47 8.74
N GLY A 39 -2.99 -10.69 8.42
CA GLY A 39 -1.68 -10.82 9.11
C GLY A 39 -0.55 -10.94 8.09
N ASP A 40 -0.90 -10.74 6.85
CA ASP A 40 0.12 -10.84 5.78
C ASP A 40 0.75 -9.48 5.50
N LYS A 41 1.89 -9.49 4.85
CA LYS A 41 2.55 -8.20 4.54
C LYS A 41 1.83 -7.49 3.42
N ALA A 42 1.67 -6.19 3.58
CA ALA A 42 0.96 -5.39 2.53
C ALA A 42 1.92 -4.41 1.86
N LYS A 43 1.90 -4.40 0.55
CA LYS A 43 2.80 -3.48 -0.20
C LYS A 43 2.00 -2.66 -1.21
N VAL A 44 2.25 -1.37 -1.23
CA VAL A 44 1.52 -0.49 -2.18
C VAL A 44 2.46 -0.07 -3.30
N SER A 45 1.95 -0.05 -4.51
CA SER A 45 2.81 0.35 -5.65
C SER A 45 2.08 1.27 -6.63
N LEU A 46 2.58 2.46 -6.78
CA LEU A 46 1.93 3.43 -7.71
C LEU A 46 2.82 3.63 -8.93
N ARG A 47 2.21 3.66 -10.09
CA ARG A 47 3.00 3.85 -11.34
C ARG A 47 2.89 5.28 -11.86
N PHE A 48 4.02 5.93 -11.98
CA PHE A 48 4.01 7.32 -12.47
C PHE A 48 4.26 7.37 -13.98
N ARG A 49 3.32 7.91 -14.70
CA ARG A 49 3.48 8.00 -16.17
C ARG A 49 2.70 9.18 -16.74
N GLY A 50 3.37 9.98 -17.52
CA GLY A 50 2.68 11.17 -18.11
C GLY A 50 2.67 12.32 -17.11
N ARG A 51 1.69 12.33 -16.27
CA ARG A 51 1.61 13.43 -15.26
C ARG A 51 2.50 13.11 -14.07
N GLU A 52 3.76 13.02 -14.31
CA GLU A 52 4.72 12.71 -13.20
C GLU A 52 4.52 13.66 -12.02
N MET A 53 4.91 14.89 -12.20
CA MET A 53 4.76 15.87 -11.10
C MET A 53 3.36 15.82 -10.49
N ALA A 54 2.37 15.92 -11.33
CA ALA A 54 0.98 15.89 -10.82
C ALA A 54 0.72 14.60 -10.03
N HIS A 55 1.13 13.50 -10.59
CA HIS A 55 0.91 12.20 -9.89
C HIS A 55 1.70 12.14 -8.58
N GLN A 56 2.65 13.01 -8.44
CA GLN A 56 3.46 13.02 -7.20
C GLN A 56 2.73 13.72 -6.07
N GLU A 57 2.41 14.96 -6.28
CA GLU A 57 1.68 15.73 -5.22
C GLU A 57 0.43 15.00 -4.77
N LEU A 58 -0.34 14.57 -5.73
CA LEU A 58 -1.58 13.86 -5.39
C LEU A 58 -1.30 12.42 -4.99
N GLY A 59 -0.19 11.91 -5.43
CA GLY A 59 0.15 10.50 -5.08
C GLY A 59 0.61 10.41 -3.61
N MET A 60 1.37 11.39 -3.20
CA MET A 60 1.85 11.39 -1.80
C MET A 60 0.73 11.78 -0.87
N GLU A 61 0.02 12.81 -1.23
CA GLU A 61 -1.08 13.26 -0.38
C GLU A 61 -2.11 12.15 -0.22
N LEU A 62 -2.24 11.35 -1.24
CA LEU A 62 -3.22 10.24 -1.16
C LEU A 62 -2.81 9.23 -0.11
N LEU A 63 -1.69 8.60 -0.35
CA LEU A 63 -1.20 7.59 0.63
C LEU A 63 -1.16 8.16 2.05
N LYS A 64 -0.89 9.43 2.14
CA LYS A 64 -0.82 10.05 3.50
C LYS A 64 -2.17 9.94 4.23
N ARG A 65 -3.22 10.29 3.55
CA ARG A 65 -4.56 10.22 4.19
C ARG A 65 -4.93 8.79 4.53
N VAL A 66 -4.84 7.91 3.56
CA VAL A 66 -5.20 6.50 3.86
C VAL A 66 -4.27 5.94 4.91
N GLU A 67 -3.01 6.24 4.77
CA GLU A 67 -2.02 5.74 5.75
C GLU A 67 -2.54 5.97 7.16
N ALA A 68 -3.11 7.13 7.37
CA ALA A 68 -3.62 7.44 8.72
C ALA A 68 -4.77 6.50 9.06
N ASP A 69 -5.73 6.44 8.18
CA ASP A 69 -6.88 5.56 8.43
C ASP A 69 -6.38 4.15 8.71
N LEU A 70 -5.16 3.91 8.33
CA LEU A 70 -4.56 2.58 8.55
C LEU A 70 -3.63 2.61 9.75
N VAL A 71 -3.03 3.75 9.99
CA VAL A 71 -2.11 3.85 11.15
C VAL A 71 -2.76 3.25 12.38
N GLU A 72 -4.04 3.47 12.52
CA GLU A 72 -4.75 2.91 13.69
C GLU A 72 -5.13 1.45 13.44
N TYR A 73 -5.04 1.05 12.19
CA TYR A 73 -5.38 -0.35 11.82
C TYR A 73 -4.20 -1.02 11.13
N GLY A 74 -3.02 -0.57 11.49
CA GLY A 74 -1.81 -1.16 10.87
C GLY A 74 -0.60 -0.28 11.18
N THR A 75 0.50 -0.55 10.54
CA THR A 75 1.72 0.26 10.80
C THR A 75 2.62 0.29 9.58
N VAL A 76 3.31 1.38 9.40
CA VAL A 76 4.20 1.49 8.24
C VAL A 76 5.60 0.95 8.57
N GLU A 77 6.04 0.01 7.78
CA GLU A 77 7.39 -0.57 8.04
C GLU A 77 8.43 0.18 7.22
N GLN A 78 7.95 0.98 6.32
CA GLN A 78 8.89 1.75 5.46
C GLN A 78 8.22 3.03 4.96
N HIS A 79 8.61 4.13 5.54
CA HIS A 79 8.00 5.42 5.11
C HIS A 79 8.05 5.57 3.59
N PRO A 80 7.10 6.31 3.04
CA PRO A 80 7.04 6.52 1.60
C PRO A 80 8.36 7.09 1.09
N LYS A 81 8.77 6.61 -0.06
CA LYS A 81 10.04 7.11 -0.64
C LYS A 81 10.01 6.98 -2.15
N LEU A 82 10.77 7.79 -2.80
CA LEU A 82 10.78 7.73 -4.27
C LEU A 82 11.80 6.70 -4.75
N GLU A 83 11.30 5.53 -5.09
CA GLU A 83 12.21 4.45 -5.58
C GLU A 83 11.91 4.12 -7.03
N GLY A 84 12.95 4.01 -7.82
CA GLY A 84 12.73 3.68 -9.26
C GLY A 84 11.83 4.73 -9.91
N ARG A 85 11.95 5.96 -9.44
CA ARG A 85 11.11 7.04 -10.01
C ARG A 85 9.64 6.75 -9.80
N GLN A 86 9.35 5.63 -9.17
CA GLN A 86 7.93 5.27 -8.92
C GLN A 86 7.56 5.52 -7.46
N LEU A 87 6.28 5.51 -7.18
CA LEU A 87 5.84 5.74 -5.77
C LEU A 87 5.37 4.44 -5.13
N MET A 88 5.96 4.10 -4.01
CA MET A 88 5.57 2.84 -3.34
C MET A 88 5.64 2.97 -1.83
N MET A 89 4.75 2.28 -1.15
CA MET A 89 4.73 2.35 0.34
C MET A 89 4.52 0.95 0.90
N VAL A 90 5.21 0.67 1.96
CA VAL A 90 5.08 -0.67 2.59
C VAL A 90 4.42 -0.58 3.96
N ILE A 91 3.48 -1.47 4.18
CA ILE A 91 2.76 -1.48 5.49
C ILE A 91 2.78 -2.88 6.09
N ALA A 92 2.91 -2.95 7.39
CA ALA A 92 2.94 -4.28 8.07
C ALA A 92 1.71 -4.44 8.99
N PRO A 93 1.33 -5.68 9.22
CA PRO A 93 0.18 -5.98 10.07
C PRO A 93 0.37 -5.41 11.48
N LYS A 94 -0.66 -4.81 11.99
CA LYS A 94 -0.56 -4.22 13.35
C LYS A 94 0.00 -5.24 14.34
N LYS A 95 0.11 -6.47 13.90
CA LYS A 95 0.65 -7.51 14.80
C LYS A 95 2.17 -7.39 14.93
N LYS A 96 2.69 -7.94 15.99
CA LYS A 96 4.16 -7.86 16.20
C LYS A 96 4.91 -8.37 14.98
N LYS A 97 6.18 -8.07 14.92
CA LYS A 97 6.99 -8.52 13.76
C LYS A 97 7.34 -10.00 13.90
N VAL A 1 16.62 -16.02 -1.95
CA VAL A 1 17.20 -16.44 -3.24
C VAL A 1 18.16 -17.61 -3.04
N ALA A 2 18.12 -18.55 -3.95
CA ALA A 2 19.02 -19.71 -3.84
C ALA A 2 18.89 -20.37 -2.46
N LYS A 3 19.69 -19.91 -1.53
CA LYS A 3 19.62 -20.49 -0.16
C LYS A 3 18.34 -20.06 0.55
N LYS A 4 17.33 -19.77 -0.22
CA LYS A 4 16.04 -19.34 0.38
C LYS A 4 14.96 -19.27 -0.68
N ASN A 5 14.84 -18.12 -1.30
CA ASN A 5 13.80 -17.94 -2.36
C ASN A 5 12.41 -18.24 -1.80
N GLN A 6 12.11 -19.50 -1.65
CA GLN A 6 10.77 -19.87 -1.11
C GLN A 6 10.40 -18.97 0.05
N LYS A 7 9.13 -18.75 0.23
CA LYS A 7 8.69 -17.88 1.35
C LYS A 7 7.22 -18.08 1.64
N GLN A 8 6.92 -18.66 2.77
CA GLN A 8 5.49 -18.88 3.12
C GLN A 8 4.76 -17.55 3.27
N ALA A 9 3.59 -17.60 3.84
CA ALA A 9 2.82 -16.35 4.02
C ALA A 9 2.36 -15.82 2.67
N GLN A 10 1.08 -15.93 2.42
CA GLN A 10 0.56 -15.43 1.13
C GLN A 10 0.67 -13.92 1.05
N VAL A 11 1.84 -13.44 0.74
CA VAL A 11 2.01 -11.97 0.64
C VAL A 11 1.26 -11.41 -0.54
N LYS A 12 0.75 -10.23 -0.36
CA LYS A 12 -0.01 -9.56 -1.46
C LYS A 12 0.58 -8.20 -1.81
N GLU A 13 0.30 -7.75 -3.00
CA GLU A 13 0.82 -6.43 -3.44
C GLU A 13 -0.26 -5.72 -4.27
N ILE A 14 -0.60 -4.51 -3.86
CA ILE A 14 -1.64 -3.76 -4.60
C ILE A 14 -1.05 -2.54 -5.30
N LYS A 15 -1.14 -2.54 -6.60
CA LYS A 15 -0.61 -1.39 -7.37
C LYS A 15 -1.65 -0.28 -7.41
N PHE A 16 -1.19 0.95 -7.48
CA PHE A 16 -2.17 2.08 -7.52
C PHE A 16 -1.86 3.03 -8.67
N ARG A 17 -2.84 3.24 -9.51
CA ARG A 17 -2.63 4.14 -10.66
C ARG A 17 -2.93 5.58 -10.21
N PRO A 18 -1.99 6.49 -10.40
CA PRO A 18 -2.20 7.87 -10.01
C PRO A 18 -3.46 8.43 -10.65
N GLY A 19 -4.07 7.62 -11.45
CA GLY A 19 -5.33 8.04 -12.15
C GLY A 19 -6.43 7.07 -11.81
N THR A 20 -6.23 6.33 -10.74
CA THR A 20 -7.25 5.34 -10.32
C THR A 20 -8.64 5.96 -10.33
N GLU A 21 -9.64 5.13 -10.40
CA GLU A 21 -11.03 5.64 -10.40
C GLU A 21 -11.60 5.70 -8.99
N GLU A 22 -12.86 5.96 -8.88
CA GLU A 22 -13.49 6.03 -7.54
C GLU A 22 -13.78 4.64 -7.01
N GLY A 23 -14.53 3.88 -7.76
CA GLY A 23 -14.86 2.50 -7.30
C GLY A 23 -13.58 1.71 -7.01
N ASP A 24 -12.63 1.81 -7.90
CA ASP A 24 -11.36 1.07 -7.69
C ASP A 24 -10.70 1.49 -6.38
N TYR A 25 -10.43 2.76 -6.25
CA TYR A 25 -9.80 3.24 -5.01
C TYR A 25 -10.55 2.72 -3.79
N GLN A 26 -11.81 2.43 -3.97
CA GLN A 26 -12.62 1.92 -2.83
C GLN A 26 -12.31 0.44 -2.56
N VAL A 27 -12.48 -0.39 -3.56
CA VAL A 27 -12.19 -1.84 -3.34
C VAL A 27 -10.73 -2.05 -2.96
N LYS A 28 -9.86 -1.32 -3.59
CA LYS A 28 -8.42 -1.48 -3.27
C LYS A 28 -8.18 -1.17 -1.81
N LEU A 29 -8.68 -0.06 -1.36
CA LEU A 29 -8.49 0.32 0.06
C LEU A 29 -8.98 -0.82 0.95
N ARG A 30 -10.11 -1.36 0.60
CA ARG A 30 -10.67 -2.46 1.41
C ARG A 30 -9.71 -3.65 1.43
N ASN A 31 -9.20 -3.99 0.27
CA ASN A 31 -8.25 -5.15 0.21
C ASN A 31 -7.07 -4.92 1.15
N LEU A 32 -6.33 -3.87 0.90
CA LEU A 32 -5.16 -3.59 1.78
C LEU A 32 -5.57 -3.62 3.25
N VAL A 33 -6.66 -2.96 3.55
CA VAL A 33 -7.14 -2.95 4.96
C VAL A 33 -7.47 -4.36 5.43
N ARG A 34 -8.08 -5.12 4.57
CA ARG A 34 -8.43 -6.51 4.96
C ARG A 34 -7.19 -7.38 5.00
N PHE A 35 -6.33 -7.16 4.06
CA PHE A 35 -5.08 -7.96 4.00
C PHE A 35 -4.39 -7.96 5.36
N LEU A 36 -4.38 -6.82 6.00
CA LEU A 36 -3.74 -6.74 7.34
C LEU A 36 -4.63 -7.34 8.41
N SER A 37 -5.89 -6.99 8.37
CA SER A 37 -6.83 -7.53 9.38
C SER A 37 -6.58 -9.02 9.62
N GLU A 38 -6.30 -9.74 8.57
CA GLU A 38 -6.05 -11.18 8.73
C GLU A 38 -4.58 -11.45 9.06
N GLY A 39 -3.72 -10.62 8.54
CA GLY A 39 -2.25 -10.79 8.81
C GLY A 39 -1.47 -10.71 7.50
N ASP A 40 -0.68 -11.72 7.24
CA ASP A 40 0.11 -11.72 5.99
C ASP A 40 0.86 -10.40 5.83
N LYS A 41 1.21 -10.08 4.61
CA LYS A 41 1.95 -8.81 4.35
C LYS A 41 1.30 -8.05 3.20
N ALA A 42 1.56 -6.77 3.13
CA ALA A 42 0.97 -5.97 2.03
C ALA A 42 1.93 -4.90 1.54
N LYS A 43 2.08 -4.82 0.24
CA LYS A 43 3.00 -3.79 -0.35
C LYS A 43 2.26 -2.92 -1.36
N VAL A 44 2.41 -1.63 -1.20
CA VAL A 44 1.73 -0.69 -2.14
C VAL A 44 2.73 -0.13 -3.14
N SER A 45 2.51 -0.41 -4.40
CA SER A 45 3.43 0.09 -5.45
C SER A 45 2.75 1.17 -6.29
N LEU A 46 3.29 2.37 -6.23
CA LEU A 46 2.69 3.49 -7.01
C LEU A 46 3.58 3.82 -8.21
N ARG A 47 2.96 3.86 -9.37
CA ARG A 47 3.74 4.18 -10.61
C ARG A 47 3.25 5.46 -11.26
N PHE A 48 4.18 6.33 -11.57
CA PHE A 48 3.81 7.62 -12.20
C PHE A 48 3.98 7.54 -13.72
N ARG A 49 3.00 8.01 -14.44
CA ARG A 49 3.11 7.96 -15.92
C ARG A 49 2.26 9.05 -16.55
N GLY A 50 2.75 10.25 -16.52
CA GLY A 50 1.98 11.38 -17.12
C GLY A 50 2.26 12.68 -16.36
N ARG A 51 1.26 13.52 -16.28
CA ARG A 51 1.46 14.80 -15.55
C ARG A 51 1.98 14.56 -14.15
N GLU A 52 2.90 15.39 -13.72
CA GLU A 52 3.47 15.21 -12.36
C GLU A 52 2.79 16.14 -11.36
N MET A 53 2.73 17.40 -11.69
CA MET A 53 2.09 18.37 -10.77
C MET A 53 0.74 17.86 -10.28
N ALA A 54 -0.10 17.49 -11.21
CA ALA A 54 -1.44 16.98 -10.81
C ALA A 54 -1.33 15.65 -10.07
N HIS A 55 -0.67 14.70 -10.68
CA HIS A 55 -0.52 13.37 -10.02
C HIS A 55 0.28 13.48 -8.73
N GLN A 56 1.44 14.05 -8.82
CA GLN A 56 2.29 14.20 -7.60
C GLN A 56 1.46 14.65 -6.41
N GLU A 57 0.78 15.76 -6.56
CA GLU A 57 -0.05 16.27 -5.44
C GLU A 57 -1.07 15.22 -5.03
N LEU A 58 -1.71 14.62 -6.00
CA LEU A 58 -2.73 13.59 -5.68
C LEU A 58 -2.08 12.38 -5.02
N GLY A 59 -0.93 12.02 -5.52
CA GLY A 59 -0.22 10.84 -4.93
C GLY A 59 0.15 11.11 -3.47
N MET A 60 0.40 12.34 -3.16
CA MET A 60 0.76 12.69 -1.78
C MET A 60 -0.48 12.76 -0.92
N GLU A 61 -1.48 13.41 -1.43
CA GLU A 61 -2.74 13.54 -0.66
C GLU A 61 -3.38 12.17 -0.47
N LEU A 62 -3.11 11.28 -1.39
CA LEU A 62 -3.70 9.92 -1.29
C LEU A 62 -3.03 9.11 -0.18
N LEU A 63 -1.76 8.87 -0.34
CA LEU A 63 -1.03 8.08 0.69
C LEU A 63 -1.15 8.73 2.06
N LYS A 64 -1.43 10.00 2.07
CA LYS A 64 -1.56 10.71 3.37
C LYS A 64 -2.83 10.28 4.09
N ARG A 65 -3.92 10.34 3.37
CA ARG A 65 -5.22 9.95 3.99
C ARG A 65 -5.31 8.43 4.06
N VAL A 66 -4.82 7.79 3.05
CA VAL A 66 -4.88 6.31 3.05
C VAL A 66 -4.06 5.76 4.21
N GLU A 67 -2.85 6.26 4.33
CA GLU A 67 -1.98 5.78 5.41
C GLU A 67 -2.69 5.95 6.75
N ALA A 68 -3.23 7.12 6.99
CA ALA A 68 -3.93 7.33 8.27
C ALA A 68 -4.94 6.23 8.51
N ASP A 69 -5.79 6.01 7.57
CA ASP A 69 -6.79 4.95 7.74
C ASP A 69 -6.12 3.62 8.02
N LEU A 70 -4.83 3.54 7.71
CA LEU A 70 -4.10 2.27 7.95
C LEU A 70 -3.33 2.29 9.27
N VAL A 71 -2.68 3.38 9.57
CA VAL A 71 -1.92 3.42 10.85
C VAL A 71 -2.83 3.01 12.00
N GLU A 72 -4.12 3.14 11.80
CA GLU A 72 -5.07 2.76 12.87
C GLU A 72 -5.36 1.26 12.81
N TYR A 73 -4.88 0.64 11.78
CA TYR A 73 -5.11 -0.83 11.62
C TYR A 73 -3.83 -1.51 11.12
N GLY A 74 -2.76 -0.77 11.09
CA GLY A 74 -1.47 -1.35 10.60
C GLY A 74 -0.32 -0.37 10.86
N THR A 75 0.75 -0.54 10.13
CA THR A 75 1.90 0.37 10.31
C THR A 75 2.91 0.22 9.18
N VAL A 76 3.80 1.15 9.08
CA VAL A 76 4.83 1.09 8.00
C VAL A 76 5.94 0.12 8.38
N GLU A 77 6.49 -0.56 7.40
CA GLU A 77 7.59 -1.52 7.68
C GLU A 77 8.85 -1.13 6.93
N GLN A 78 8.70 -0.39 5.86
CA GLN A 78 9.88 0.03 5.08
C GLN A 78 9.69 1.44 4.54
N HIS A 79 10.66 2.30 4.84
CA HIS A 79 10.57 3.70 4.35
C HIS A 79 10.49 3.73 2.82
N PRO A 80 9.63 4.58 2.27
CA PRO A 80 9.48 4.70 0.83
C PRO A 80 10.78 5.18 0.18
N LYS A 81 10.92 4.89 -1.10
CA LYS A 81 12.14 5.31 -1.83
C LYS A 81 11.75 5.81 -3.21
N LEU A 82 12.58 6.66 -3.77
CA LEU A 82 12.27 7.20 -5.13
C LEU A 82 13.47 7.08 -6.06
N GLU A 83 13.20 6.65 -7.26
CA GLU A 83 14.28 6.49 -8.24
C GLU A 83 13.74 6.72 -9.65
N GLY A 84 14.15 7.80 -10.25
CA GLY A 84 13.67 8.08 -11.63
C GLY A 84 12.24 8.64 -11.57
N ARG A 85 11.32 7.80 -11.17
CA ARG A 85 9.91 8.24 -11.08
C ARG A 85 9.04 7.17 -10.44
N GLN A 86 9.67 6.17 -9.86
CA GLN A 86 8.90 5.08 -9.22
C GLN A 86 8.85 5.25 -7.70
N LEU A 87 7.72 4.90 -7.13
CA LEU A 87 7.55 5.02 -5.66
C LEU A 87 7.07 3.70 -5.10
N MET A 88 7.71 3.24 -4.04
CA MET A 88 7.28 1.94 -3.44
C MET A 88 7.40 1.94 -1.93
N MET A 89 6.32 1.55 -1.29
CA MET A 89 6.31 1.50 0.19
C MET A 89 5.72 0.18 0.65
N VAL A 90 6.20 -0.30 1.75
CA VAL A 90 5.69 -1.59 2.28
C VAL A 90 4.92 -1.41 3.58
N ILE A 91 3.83 -2.14 3.70
CA ILE A 91 2.99 -2.03 4.92
C ILE A 91 2.92 -3.38 5.65
N ALA A 92 2.97 -3.33 6.96
CA ALA A 92 2.90 -4.58 7.77
C ALA A 92 1.69 -4.54 8.71
N PRO A 93 1.28 -5.71 9.15
CA PRO A 93 0.15 -5.83 10.06
C PRO A 93 0.39 -5.05 11.35
N LYS A 94 -0.67 -4.61 11.96
CA LYS A 94 -0.52 -3.85 13.22
C LYS A 94 0.44 -4.56 14.17
N LYS A 95 1.10 -3.80 15.01
CA LYS A 95 2.06 -4.42 15.95
C LYS A 95 1.33 -5.20 17.04
N LYS A 96 0.41 -6.04 16.63
CA LYS A 96 -0.34 -6.84 17.63
C LYS A 96 0.60 -7.74 18.42
N LYS A 97 0.50 -7.69 19.72
CA LYS A 97 1.38 -8.54 20.55
C LYS A 97 0.97 -10.01 20.45
N VAL A 1 9.53 -24.68 -3.37
CA VAL A 1 8.78 -24.38 -2.12
C VAL A 1 7.59 -25.30 -1.96
N ALA A 2 6.69 -24.92 -1.09
CA ALA A 2 5.48 -25.77 -0.87
C ALA A 2 5.88 -27.22 -0.63
N LYS A 3 5.20 -28.12 -1.29
CA LYS A 3 5.52 -29.55 -1.11
C LYS A 3 5.59 -29.90 0.37
N LYS A 4 6.77 -29.82 0.93
CA LYS A 4 6.91 -30.14 2.36
C LYS A 4 6.43 -29.00 3.23
N ASN A 5 6.68 -27.80 2.78
CA ASN A 5 6.24 -26.61 3.57
C ASN A 5 4.73 -26.43 3.47
N GLN A 6 4.16 -25.78 4.45
CA GLN A 6 2.69 -25.56 4.43
C GLN A 6 2.33 -24.25 5.12
N LYS A 7 3.32 -23.44 5.37
CA LYS A 7 3.04 -22.14 6.03
C LYS A 7 2.29 -21.21 5.08
N GLN A 8 2.74 -21.14 3.86
CA GLN A 8 2.07 -20.26 2.87
C GLN A 8 1.90 -18.85 3.44
N ALA A 9 2.89 -18.03 3.23
CA ALA A 9 2.81 -16.65 3.74
C ALA A 9 3.63 -15.70 2.87
N GLN A 10 3.28 -15.64 1.62
CA GLN A 10 4.02 -14.74 0.70
C GLN A 10 3.47 -13.32 0.76
N VAL A 11 4.34 -12.35 0.61
CA VAL A 11 3.88 -10.96 0.66
C VAL A 11 3.05 -10.61 -0.56
N LYS A 12 2.07 -9.79 -0.36
CA LYS A 12 1.19 -9.37 -1.48
C LYS A 12 1.27 -7.87 -1.71
N GLU A 13 0.91 -7.46 -2.90
CA GLU A 13 0.96 -6.02 -3.22
C GLU A 13 -0.22 -5.64 -4.10
N ILE A 14 -0.66 -4.42 -3.95
CA ILE A 14 -1.81 -3.94 -4.76
C ILE A 14 -1.38 -2.77 -5.63
N LYS A 15 -1.84 -2.76 -6.85
CA LYS A 15 -1.47 -1.64 -7.76
C LYS A 15 -2.30 -0.40 -7.47
N PHE A 16 -1.72 0.74 -7.71
CA PHE A 16 -2.46 2.00 -7.46
C PHE A 16 -2.14 3.05 -8.52
N ARG A 17 -3.09 3.94 -8.73
CA ARG A 17 -2.89 5.01 -9.74
C ARG A 17 -3.27 6.37 -9.13
N PRO A 18 -2.64 7.42 -9.58
CA PRO A 18 -2.93 8.75 -9.07
C PRO A 18 -4.38 9.13 -9.34
N GLY A 19 -5.08 9.51 -8.30
CA GLY A 19 -6.50 9.91 -8.48
C GLY A 19 -7.27 8.77 -9.16
N THR A 20 -6.84 7.56 -8.91
CA THR A 20 -7.53 6.39 -9.53
C THR A 20 -9.05 6.51 -9.40
N GLU A 21 -9.75 5.73 -10.17
CA GLU A 21 -11.24 5.79 -10.11
C GLU A 21 -11.73 5.65 -8.67
N GLU A 22 -13.00 5.85 -8.47
CA GLU A 22 -13.55 5.74 -7.11
C GLU A 22 -13.78 4.28 -6.72
N GLY A 23 -14.45 3.57 -7.56
CA GLY A 23 -14.72 2.13 -7.26
C GLY A 23 -13.40 1.41 -6.97
N ASP A 24 -12.49 1.50 -7.90
CA ASP A 24 -11.18 0.82 -7.71
C ASP A 24 -10.49 1.33 -6.43
N TYR A 25 -10.69 2.58 -6.14
CA TYR A 25 -10.05 3.15 -4.92
C TYR A 25 -10.72 2.60 -3.67
N GLN A 26 -11.99 2.35 -3.77
CA GLN A 26 -12.73 1.81 -2.61
C GLN A 26 -12.40 0.33 -2.36
N VAL A 27 -12.61 -0.47 -3.36
CA VAL A 27 -12.32 -1.93 -3.20
C VAL A 27 -10.86 -2.16 -2.83
N LYS A 28 -9.98 -1.41 -3.44
CA LYS A 28 -8.55 -1.59 -3.12
C LYS A 28 -8.29 -1.31 -1.64
N LEU A 29 -8.80 -0.21 -1.17
CA LEU A 29 -8.59 0.12 0.25
C LEU A 29 -8.98 -1.05 1.13
N ARG A 30 -10.06 -1.69 0.76
CA ARG A 30 -10.51 -2.85 1.54
C ARG A 30 -9.46 -3.96 1.52
N ASN A 31 -8.99 -4.27 0.35
CA ASN A 31 -7.96 -5.33 0.24
C ASN A 31 -6.79 -5.04 1.17
N LEU A 32 -6.12 -3.95 0.92
CA LEU A 32 -4.96 -3.61 1.79
C LEU A 32 -5.31 -3.82 3.26
N VAL A 33 -6.43 -3.31 3.66
CA VAL A 33 -6.86 -3.47 5.07
C VAL A 33 -7.09 -4.95 5.40
N ARG A 34 -8.00 -5.56 4.69
CA ARG A 34 -8.27 -6.99 4.96
C ARG A 34 -7.00 -7.82 4.92
N PHE A 35 -6.11 -7.47 4.04
CA PHE A 35 -4.84 -8.21 3.94
C PHE A 35 -4.10 -8.20 5.26
N LEU A 36 -4.09 -7.06 5.93
CA LEU A 36 -3.38 -7.00 7.24
C LEU A 36 -4.12 -7.83 8.28
N SER A 37 -5.41 -7.89 8.15
CA SER A 37 -6.21 -8.69 9.12
C SER A 37 -5.78 -10.14 9.09
N GLU A 38 -5.54 -10.65 7.92
CA GLU A 38 -5.12 -12.07 7.82
C GLU A 38 -3.78 -12.30 8.51
N GLY A 39 -2.75 -11.71 7.97
CA GLY A 39 -1.41 -11.89 8.59
C GLY A 39 -0.31 -11.65 7.55
N ASP A 40 -0.71 -11.44 6.32
CA ASP A 40 0.29 -11.21 5.25
C ASP A 40 0.61 -9.71 5.13
N LYS A 41 1.83 -9.42 4.76
CA LYS A 41 2.21 -8.00 4.62
C LYS A 41 1.61 -7.39 3.35
N ALA A 42 1.28 -6.12 3.42
CA ALA A 42 0.68 -5.44 2.23
C ALA A 42 1.60 -4.34 1.72
N LYS A 43 1.75 -4.29 0.42
CA LYS A 43 2.63 -3.24 -0.19
C LYS A 43 1.89 -2.49 -1.29
N VAL A 44 2.03 -1.18 -1.30
CA VAL A 44 1.35 -0.36 -2.33
C VAL A 44 2.34 0.08 -3.38
N SER A 45 1.95 0.00 -4.63
CA SER A 45 2.87 0.42 -5.72
C SER A 45 2.16 1.32 -6.72
N LEU A 46 2.63 2.56 -6.79
CA LEU A 46 2.02 3.52 -7.74
C LEU A 46 2.95 3.75 -8.92
N ARG A 47 2.39 4.05 -10.07
CA ARG A 47 3.24 4.29 -11.28
C ARG A 47 2.92 5.62 -11.94
N PHE A 48 3.95 6.27 -12.44
CA PHE A 48 3.75 7.59 -13.11
C PHE A 48 4.13 7.50 -14.58
N ARG A 49 3.62 8.40 -15.38
CA ARG A 49 3.95 8.37 -16.83
C ARG A 49 3.52 9.66 -17.51
N GLY A 50 3.49 10.72 -16.76
CA GLY A 50 3.07 12.03 -17.34
C GLY A 50 3.44 13.17 -16.39
N ARG A 51 2.62 14.18 -16.36
CA ARG A 51 2.90 15.33 -15.47
C ARG A 51 3.29 14.84 -14.08
N GLU A 52 4.58 14.67 -13.87
CA GLU A 52 5.03 14.20 -12.54
C GLU A 52 4.93 15.31 -11.51
N MET A 53 4.43 16.43 -11.92
CA MET A 53 4.29 17.56 -10.97
C MET A 53 3.08 17.36 -10.07
N ALA A 54 1.93 17.24 -10.68
CA ALA A 54 0.70 17.04 -9.88
C ALA A 54 0.62 15.59 -9.40
N HIS A 55 0.98 14.69 -10.28
CA HIS A 55 0.93 13.27 -9.92
C HIS A 55 1.72 13.00 -8.64
N GLN A 56 2.83 13.68 -8.50
CA GLN A 56 3.65 13.48 -7.28
C GLN A 56 2.99 14.12 -6.06
N GLU A 57 2.61 15.37 -6.21
CA GLU A 57 1.97 16.05 -5.07
C GLU A 57 0.62 15.41 -4.74
N LEU A 58 -0.09 15.05 -5.76
CA LEU A 58 -1.41 14.41 -5.55
C LEU A 58 -1.24 12.99 -5.04
N GLY A 59 -0.19 12.35 -5.50
CA GLY A 59 0.04 10.94 -5.06
C GLY A 59 0.45 10.91 -3.59
N MET A 60 1.27 11.85 -3.19
CA MET A 60 1.70 11.87 -1.78
C MET A 60 0.53 12.27 -0.90
N GLU A 61 -0.26 13.17 -1.38
CA GLU A 61 -1.42 13.62 -0.58
C GLU A 61 -2.36 12.45 -0.32
N LEU A 62 -2.54 11.62 -1.31
CA LEU A 62 -3.46 10.46 -1.14
C LEU A 62 -2.91 9.50 -0.07
N LEU A 63 -1.78 8.93 -0.34
CA LEU A 63 -1.18 8.00 0.64
C LEU A 63 -1.22 8.58 2.05
N LYS A 64 -0.98 9.86 2.15
CA LYS A 64 -1.01 10.49 3.48
C LYS A 64 -2.34 10.23 4.18
N ARG A 65 -3.41 10.57 3.52
CA ARG A 65 -4.74 10.34 4.15
C ARG A 65 -5.05 8.86 4.19
N VAL A 66 -4.79 8.20 3.11
CA VAL A 66 -5.07 6.75 3.06
C VAL A 66 -4.24 6.03 4.12
N GLU A 67 -2.98 6.37 4.18
CA GLU A 67 -2.09 5.73 5.17
C GLU A 67 -2.74 5.80 6.54
N ALA A 68 -3.29 6.94 6.86
CA ALA A 68 -3.94 7.08 8.18
C ALA A 68 -5.07 6.08 8.33
N ASP A 69 -5.92 6.01 7.35
CA ASP A 69 -7.04 5.07 7.43
C ASP A 69 -6.52 3.70 7.82
N LEU A 70 -5.27 3.45 7.51
CA LEU A 70 -4.68 2.15 7.86
C LEU A 70 -4.01 2.22 9.22
N VAL A 71 -3.46 3.35 9.54
CA VAL A 71 -2.81 3.49 10.86
C VAL A 71 -3.73 3.00 11.95
N GLU A 72 -5.00 2.91 11.64
CA GLU A 72 -5.97 2.44 12.66
C GLU A 72 -6.18 0.92 12.55
N TYR A 73 -5.32 0.29 11.80
CA TYR A 73 -5.45 -1.18 11.62
C TYR A 73 -4.12 -1.78 11.22
N GLY A 74 -3.08 -1.00 11.33
CA GLY A 74 -1.74 -1.50 10.95
C GLY A 74 -0.69 -0.40 11.16
N THR A 75 0.55 -0.72 10.89
CA THR A 75 1.63 0.28 11.07
C THR A 75 2.46 0.40 9.80
N VAL A 76 3.09 1.52 9.62
CA VAL A 76 3.92 1.70 8.41
C VAL A 76 5.28 1.01 8.57
N GLU A 77 5.62 0.19 7.61
CA GLU A 77 6.91 -0.52 7.67
C GLU A 77 7.94 0.22 6.85
N GLN A 78 7.47 1.17 6.09
CA GLN A 78 8.39 1.96 5.25
C GLN A 78 7.65 3.15 4.67
N HIS A 79 7.93 4.31 5.19
CA HIS A 79 7.26 5.52 4.67
C HIS A 79 7.43 5.63 3.16
N PRO A 80 6.46 6.22 2.49
CA PRO A 80 6.51 6.38 1.04
C PRO A 80 7.75 7.15 0.61
N LYS A 81 8.30 6.80 -0.52
CA LYS A 81 9.51 7.49 -0.98
C LYS A 81 9.63 7.41 -2.48
N LEU A 82 10.35 8.32 -3.04
CA LEU A 82 10.52 8.33 -4.51
C LEU A 82 11.71 7.45 -4.92
N GLU A 83 11.40 6.26 -5.34
CA GLU A 83 12.47 5.32 -5.77
C GLU A 83 12.57 5.27 -7.28
N GLY A 84 13.44 6.08 -7.83
CA GLY A 84 13.59 6.09 -9.31
C GLY A 84 12.30 6.60 -9.97
N ARG A 85 11.84 5.87 -10.95
CA ARG A 85 10.59 6.29 -11.64
C ARG A 85 9.39 5.47 -11.14
N GLN A 86 9.46 5.05 -9.90
CA GLN A 86 8.33 4.25 -9.34
C GLN A 86 8.09 4.59 -7.87
N LEU A 87 6.84 4.82 -7.54
CA LEU A 87 6.49 5.16 -6.13
C LEU A 87 5.86 3.95 -5.43
N MET A 88 6.45 3.55 -4.33
CA MET A 88 5.89 2.37 -3.60
C MET A 88 5.93 2.58 -2.09
N MET A 89 4.99 1.96 -1.43
CA MET A 89 4.92 2.08 0.06
C MET A 89 4.70 0.71 0.67
N VAL A 90 4.87 0.61 1.97
CA VAL A 90 4.67 -0.70 2.63
C VAL A 90 3.94 -0.55 3.97
N ILE A 91 2.96 -1.41 4.17
CA ILE A 91 2.17 -1.36 5.44
C ILE A 91 2.21 -2.71 6.16
N ALA A 92 2.54 -2.69 7.43
CA ALA A 92 2.59 -3.96 8.20
C ALA A 92 1.35 -4.10 9.10
N PRO A 93 1.08 -5.33 9.50
CA PRO A 93 -0.07 -5.62 10.36
C PRO A 93 0.05 -4.92 11.71
N LYS A 94 -1.05 -4.82 12.42
CA LYS A 94 -1.01 -4.15 13.75
C LYS A 94 0.22 -4.58 14.54
N LYS A 95 0.63 -3.76 15.48
CA LYS A 95 1.83 -4.10 16.30
C LYS A 95 1.61 -3.78 17.77
N LYS A 96 0.78 -2.81 18.04
CA LYS A 96 0.52 -2.44 19.46
C LYS A 96 0.07 -3.67 20.26
N LYS A 97 0.03 -3.51 21.55
CA LYS A 97 -0.39 -4.65 22.41
C LYS A 97 -1.91 -4.76 22.45
N VAL A 1 17.02 -12.49 6.63
CA VAL A 1 15.90 -12.89 5.74
C VAL A 1 14.59 -12.97 6.52
N ALA A 2 13.51 -13.17 5.81
CA ALA A 2 12.18 -13.26 6.48
C ALA A 2 12.15 -14.44 7.43
N LYS A 3 12.86 -14.32 8.51
CA LYS A 3 12.87 -15.43 9.50
C LYS A 3 11.80 -15.20 10.56
N LYS A 4 11.77 -16.05 11.55
CA LYS A 4 10.75 -15.88 12.61
C LYS A 4 9.35 -15.80 12.00
N ASN A 5 9.29 -15.94 10.70
CA ASN A 5 7.98 -15.88 10.00
C ASN A 5 7.61 -17.24 9.42
N GLN A 6 8.16 -18.27 9.99
CA GLN A 6 7.86 -19.64 9.49
C GLN A 6 6.38 -19.82 9.21
N LYS A 7 5.56 -19.30 10.07
CA LYS A 7 4.09 -19.43 9.86
C LYS A 7 3.73 -19.14 8.41
N GLN A 8 3.00 -20.04 7.81
CA GLN A 8 2.60 -19.84 6.39
C GLN A 8 2.13 -18.41 6.17
N ALA A 9 2.97 -17.62 5.55
CA ALA A 9 2.60 -16.20 5.29
C ALA A 9 3.45 -15.62 4.16
N GLN A 10 2.98 -14.56 3.56
CA GLN A 10 3.75 -13.95 2.45
C GLN A 10 3.32 -12.50 2.23
N VAL A 11 4.25 -11.70 1.75
CA VAL A 11 3.92 -10.28 1.51
C VAL A 11 2.97 -10.12 0.35
N LYS A 12 2.13 -9.13 0.46
CA LYS A 12 1.13 -8.86 -0.61
C LYS A 12 1.38 -7.49 -1.24
N GLU A 13 0.93 -7.34 -2.46
CA GLU A 13 1.14 -6.03 -3.15
C GLU A 13 -0.07 -5.66 -4.00
N ILE A 14 -0.47 -4.42 -3.93
CA ILE A 14 -1.64 -3.96 -4.73
C ILE A 14 -1.23 -2.81 -5.64
N LYS A 15 -1.57 -2.93 -6.90
CA LYS A 15 -1.21 -1.84 -7.85
C LYS A 15 -2.22 -0.71 -7.75
N PHE A 16 -1.78 0.49 -8.02
CA PHE A 16 -2.72 1.64 -7.93
C PHE A 16 -2.45 2.67 -9.02
N ARG A 17 -3.52 3.26 -9.50
CA ARG A 17 -3.40 4.28 -10.56
C ARG A 17 -3.94 5.64 -10.06
N PRO A 18 -3.09 6.67 -10.05
CA PRO A 18 -3.52 7.98 -9.58
C PRO A 18 -4.70 8.51 -10.40
N GLY A 19 -5.78 8.80 -9.72
CA GLY A 19 -6.98 9.32 -10.43
C GLY A 19 -7.99 8.20 -10.67
N THR A 20 -7.89 7.15 -9.89
CA THR A 20 -8.83 6.02 -10.06
C THR A 20 -10.25 6.44 -9.69
N GLU A 21 -11.20 5.67 -10.14
CA GLU A 21 -12.62 6.01 -9.83
C GLU A 21 -12.95 5.67 -8.37
N GLU A 22 -13.88 6.40 -7.82
CA GLU A 22 -14.26 6.14 -6.40
C GLU A 22 -14.49 4.66 -6.17
N GLY A 23 -15.17 4.04 -7.09
CA GLY A 23 -15.45 2.58 -6.95
C GLY A 23 -14.13 1.79 -6.87
N ASP A 24 -13.29 1.99 -7.84
CA ASP A 24 -11.99 1.27 -7.85
C ASP A 24 -11.16 1.65 -6.63
N TYR A 25 -11.39 2.84 -6.13
CA TYR A 25 -10.62 3.29 -4.95
C TYR A 25 -11.10 2.56 -3.69
N GLN A 26 -12.32 2.12 -3.72
CA GLN A 26 -12.87 1.40 -2.55
C GLN A 26 -12.35 -0.03 -2.50
N VAL A 27 -12.58 -0.76 -3.57
CA VAL A 27 -12.10 -2.17 -3.59
C VAL A 27 -10.62 -2.23 -3.26
N LYS A 28 -9.88 -1.27 -3.74
CA LYS A 28 -8.42 -1.26 -3.46
C LYS A 28 -8.19 -1.06 -1.98
N LEU A 29 -8.91 -0.15 -1.40
CA LEU A 29 -8.74 0.10 0.05
C LEU A 29 -9.16 -1.13 0.83
N ARG A 30 -10.15 -1.81 0.33
CA ARG A 30 -10.63 -3.03 1.01
C ARG A 30 -9.55 -4.09 1.03
N ASN A 31 -8.99 -4.37 -0.12
CA ASN A 31 -7.92 -5.39 -0.17
C ASN A 31 -6.82 -5.05 0.81
N LEU A 32 -6.22 -3.90 0.61
CA LEU A 32 -5.14 -3.49 1.54
C LEU A 32 -5.57 -3.67 2.99
N VAL A 33 -6.79 -3.27 3.28
CA VAL A 33 -7.29 -3.40 4.66
C VAL A 33 -7.43 -4.88 5.05
N ARG A 34 -8.27 -5.59 4.34
CA ARG A 34 -8.44 -7.02 4.67
C ARG A 34 -7.10 -7.75 4.66
N PHE A 35 -6.21 -7.29 3.82
CA PHE A 35 -4.89 -7.95 3.75
C PHE A 35 -4.19 -7.88 5.11
N LEU A 36 -4.24 -6.73 5.73
CA LEU A 36 -3.60 -6.59 7.05
C LEU A 36 -4.25 -7.52 8.06
N SER A 37 -5.55 -7.69 7.93
CA SER A 37 -6.27 -8.59 8.86
C SER A 37 -5.78 -10.03 8.70
N GLU A 38 -5.62 -10.45 7.47
CA GLU A 38 -5.16 -11.84 7.24
C GLU A 38 -3.87 -12.12 8.01
N GLY A 39 -3.08 -11.11 8.19
CA GLY A 39 -1.80 -11.29 8.93
C GLY A 39 -0.64 -11.42 7.96
N ASP A 40 -0.59 -10.53 7.00
CA ASP A 40 0.52 -10.57 6.01
C ASP A 40 0.97 -9.17 5.66
N LYS A 41 2.22 -9.04 5.28
CA LYS A 41 2.74 -7.70 4.91
C LYS A 41 2.11 -7.20 3.64
N ALA A 42 1.95 -5.89 3.55
CA ALA A 42 1.33 -5.31 2.33
C ALA A 42 2.13 -4.10 1.84
N LYS A 43 2.19 -3.95 0.54
CA LYS A 43 2.93 -2.82 -0.03
C LYS A 43 2.16 -2.22 -1.21
N VAL A 44 2.20 -0.91 -1.32
CA VAL A 44 1.47 -0.24 -2.43
C VAL A 44 2.44 0.16 -3.52
N SER A 45 2.02 -0.01 -4.74
CA SER A 45 2.90 0.36 -5.89
C SER A 45 2.17 1.28 -6.84
N LEU A 46 2.63 2.51 -6.94
CA LEU A 46 1.99 3.49 -7.85
C LEU A 46 2.89 3.76 -9.04
N ARG A 47 2.32 3.69 -10.22
CA ARG A 47 3.12 3.95 -11.45
C ARG A 47 2.83 5.33 -12.02
N PHE A 48 3.85 5.96 -12.56
CA PHE A 48 3.67 7.31 -13.15
C PHE A 48 3.76 7.26 -14.67
N ARG A 49 3.18 8.23 -15.32
CA ARG A 49 3.22 8.24 -16.80
C ARG A 49 3.19 9.67 -17.33
N GLY A 50 2.36 10.48 -16.73
CA GLY A 50 2.28 11.89 -17.19
C GLY A 50 3.31 12.75 -16.47
N ARG A 51 2.91 13.94 -16.10
CA ARG A 51 3.86 14.83 -15.38
C ARG A 51 4.57 14.08 -14.26
N GLU A 52 5.75 14.52 -13.94
CA GLU A 52 6.52 13.85 -12.86
C GLU A 52 6.29 14.54 -11.50
N MET A 53 6.09 15.82 -11.54
CA MET A 53 5.86 16.55 -10.27
C MET A 53 4.37 16.56 -9.89
N ALA A 54 3.54 16.82 -10.85
CA ALA A 54 2.08 16.84 -10.56
C ALA A 54 1.64 15.59 -9.81
N HIS A 55 1.77 14.46 -10.45
CA HIS A 55 1.37 13.20 -9.78
C HIS A 55 2.05 13.03 -8.43
N GLN A 56 3.26 13.53 -8.33
CA GLN A 56 4.00 13.40 -7.05
C GLN A 56 3.17 13.93 -5.88
N GLU A 57 2.73 15.15 -6.00
CA GLU A 57 1.92 15.75 -4.91
C GLU A 57 0.61 14.98 -4.71
N LEU A 58 -0.06 14.70 -5.80
CA LEU A 58 -1.34 13.97 -5.70
C LEU A 58 -1.11 12.55 -5.20
N GLY A 59 0.02 12.00 -5.54
CA GLY A 59 0.31 10.61 -5.10
C GLY A 59 0.59 10.57 -3.60
N MET A 60 1.30 11.56 -3.11
CA MET A 60 1.60 11.58 -1.66
C MET A 60 0.38 11.97 -0.86
N GLU A 61 -0.37 12.91 -1.38
CA GLU A 61 -1.58 13.35 -0.66
C GLU A 61 -2.53 12.18 -0.42
N LEU A 62 -2.75 11.39 -1.43
CA LEU A 62 -3.66 10.23 -1.27
C LEU A 62 -3.11 9.26 -0.24
N LEU A 63 -1.93 8.75 -0.50
CA LEU A 63 -1.34 7.79 0.45
C LEU A 63 -1.34 8.35 1.87
N LYS A 64 -1.38 9.65 1.99
CA LYS A 64 -1.39 10.24 3.34
C LYS A 64 -2.72 9.94 4.03
N ARG A 65 -3.79 10.16 3.31
CA ARG A 65 -5.12 9.90 3.90
C ARG A 65 -5.31 8.43 4.27
N VAL A 66 -5.07 7.55 3.34
CA VAL A 66 -5.24 6.11 3.67
C VAL A 66 -4.23 5.70 4.73
N GLU A 67 -3.03 6.19 4.61
CA GLU A 67 -2.00 5.83 5.61
C GLU A 67 -2.56 6.02 7.01
N ALA A 68 -3.35 7.05 7.18
CA ALA A 68 -3.94 7.28 8.51
C ALA A 68 -5.08 6.32 8.76
N ASP A 69 -5.97 6.25 7.81
CA ASP A 69 -7.12 5.33 7.96
C ASP A 69 -6.62 3.95 8.31
N LEU A 70 -5.36 3.71 8.03
CA LEU A 70 -4.77 2.39 8.33
C LEU A 70 -3.96 2.45 9.61
N VAL A 71 -3.43 3.61 9.92
CA VAL A 71 -2.63 3.73 11.14
C VAL A 71 -3.40 3.14 12.32
N GLU A 72 -4.70 3.19 12.22
CA GLU A 72 -5.53 2.64 13.31
C GLU A 72 -5.64 1.12 13.17
N TYR A 73 -5.31 0.65 11.99
CA TYR A 73 -5.38 -0.83 11.73
C TYR A 73 -4.04 -1.33 11.21
N GLY A 74 -3.00 -0.65 11.58
CA GLY A 74 -1.65 -1.06 11.12
C GLY A 74 -0.67 0.10 11.28
N THR A 75 0.45 0.01 10.61
CA THR A 75 1.45 1.11 10.73
C THR A 75 2.41 1.11 9.56
N VAL A 76 3.13 2.19 9.43
CA VAL A 76 4.11 2.28 8.32
C VAL A 76 5.49 1.83 8.79
N GLU A 77 6.07 0.91 8.05
CA GLU A 77 7.42 0.43 8.42
C GLU A 77 8.48 0.96 7.48
N GLN A 78 8.03 1.48 6.37
CA GLN A 78 9.00 2.03 5.38
C GLN A 78 8.41 3.25 4.67
N HIS A 79 8.91 4.40 5.01
CA HIS A 79 8.40 5.63 4.36
C HIS A 79 8.54 5.52 2.84
N PRO A 80 7.66 6.18 2.11
CA PRO A 80 7.69 6.14 0.67
C PRO A 80 9.07 6.55 0.15
N LYS A 81 9.58 5.78 -0.79
CA LYS A 81 10.91 6.09 -1.35
C LYS A 81 10.82 6.17 -2.87
N LEU A 82 11.69 6.95 -3.45
CA LEU A 82 11.69 7.09 -4.93
C LEU A 82 12.86 6.34 -5.55
N GLU A 83 12.56 5.20 -6.12
CA GLU A 83 13.62 4.38 -6.76
C GLU A 83 13.17 3.89 -8.11
N GLY A 84 13.98 4.10 -9.11
CA GLY A 84 13.60 3.64 -10.48
C GLY A 84 12.46 4.49 -11.03
N ARG A 85 12.33 5.69 -10.50
CA ARG A 85 11.26 6.60 -10.97
C ARG A 85 9.87 6.09 -10.53
N GLN A 86 9.84 4.93 -9.92
CA GLN A 86 8.52 4.38 -9.46
C GLN A 86 8.31 4.64 -7.97
N LEU A 87 7.05 4.68 -7.56
CA LEU A 87 6.75 4.92 -6.12
C LEU A 87 6.29 3.64 -5.43
N MET A 88 6.86 3.37 -4.28
CA MET A 88 6.46 2.14 -3.54
C MET A 88 6.45 2.37 -2.03
N MET A 89 5.43 1.87 -1.37
CA MET A 89 5.33 2.04 0.11
C MET A 89 5.13 0.70 0.79
N VAL A 90 5.29 0.68 2.09
CA VAL A 90 5.12 -0.60 2.82
C VAL A 90 4.42 -0.40 4.16
N ILE A 91 3.49 -1.28 4.47
CA ILE A 91 2.75 -1.17 5.76
C ILE A 91 2.80 -2.49 6.52
N ALA A 92 2.96 -2.39 7.82
CA ALA A 92 3.02 -3.63 8.65
C ALA A 92 1.64 -3.95 9.25
N PRO A 93 1.27 -5.24 9.25
CA PRO A 93 -0.02 -5.67 9.80
C PRO A 93 -0.06 -5.52 11.32
N LYS A 94 -1.21 -5.77 11.88
CA LYS A 94 -1.36 -5.67 13.36
C LYS A 94 -1.46 -7.05 13.99
N LYS A 95 -1.01 -7.17 15.22
CA LYS A 95 -1.07 -8.50 15.91
C LYS A 95 -2.08 -8.47 17.05
N LYS A 96 -1.99 -7.45 17.87
CA LYS A 96 -2.94 -7.36 19.01
C LYS A 96 -4.38 -7.48 18.54
N LYS A 97 -5.29 -7.50 19.47
CA LYS A 97 -6.73 -7.61 19.10
C LYS A 97 -7.06 -6.66 17.95
N VAL A 1 15.06 -17.77 -7.53
CA VAL A 1 14.80 -18.71 -6.42
C VAL A 1 13.57 -18.29 -5.63
N ALA A 2 13.60 -18.52 -4.35
CA ALA A 2 12.44 -18.13 -3.51
C ALA A 2 11.14 -18.64 -4.13
N LYS A 3 11.15 -19.89 -4.53
CA LYS A 3 9.91 -20.45 -5.14
C LYS A 3 9.03 -21.09 -4.09
N LYS A 4 9.64 -21.89 -3.24
CA LYS A 4 8.85 -22.57 -2.18
C LYS A 4 9.56 -22.49 -0.84
N ASN A 5 10.77 -21.99 -0.88
CA ASN A 5 11.54 -21.86 0.38
C ASN A 5 11.00 -20.74 1.24
N GLN A 6 11.87 -20.10 1.98
CA GLN A 6 11.42 -19.00 2.86
C GLN A 6 10.21 -19.44 3.69
N LYS A 7 10.46 -20.38 4.56
CA LYS A 7 9.35 -20.88 5.42
C LYS A 7 8.06 -21.04 4.64
N GLN A 8 7.05 -20.32 5.04
CA GLN A 8 5.75 -20.41 4.33
C GLN A 8 5.00 -19.09 4.39
N ALA A 9 5.66 -18.03 3.96
CA ALA A 9 5.03 -16.69 3.99
C ALA A 9 5.09 -16.04 2.61
N GLN A 10 4.12 -15.23 2.30
CA GLN A 10 4.11 -14.56 0.98
C GLN A 10 3.54 -13.15 1.10
N VAL A 11 4.29 -12.19 0.61
CA VAL A 11 3.82 -10.80 0.68
C VAL A 11 2.90 -10.46 -0.47
N LYS A 12 1.96 -9.62 -0.20
CA LYS A 12 0.99 -9.21 -1.25
C LYS A 12 1.37 -7.84 -1.81
N GLU A 13 0.94 -7.58 -3.02
CA GLU A 13 1.26 -6.26 -3.64
C GLU A 13 0.09 -5.74 -4.47
N ILE A 14 -0.49 -4.64 -4.04
CA ILE A 14 -1.64 -4.07 -4.79
C ILE A 14 -1.21 -2.86 -5.60
N LYS A 15 -1.52 -2.87 -6.86
CA LYS A 15 -1.13 -1.72 -7.72
C LYS A 15 -2.12 -0.59 -7.54
N PHE A 16 -1.61 0.63 -7.44
CA PHE A 16 -2.51 1.80 -7.26
C PHE A 16 -2.25 2.86 -8.32
N ARG A 17 -3.32 3.40 -8.85
CA ARG A 17 -3.20 4.45 -9.89
C ARG A 17 -3.62 5.80 -9.30
N PRO A 18 -2.82 6.84 -9.51
CA PRO A 18 -3.15 8.16 -8.98
C PRO A 18 -4.52 8.64 -9.49
N GLY A 19 -5.01 7.99 -10.50
CA GLY A 19 -6.34 8.39 -11.06
C GLY A 19 -7.42 7.39 -10.62
N THR A 20 -7.25 6.84 -9.46
CA THR A 20 -8.26 5.86 -8.97
C THR A 20 -9.64 6.50 -8.87
N GLU A 21 -10.67 5.70 -9.10
CA GLU A 21 -12.05 6.24 -9.04
C GLU A 21 -12.67 5.95 -7.68
N GLU A 22 -13.96 6.11 -7.59
CA GLU A 22 -14.64 5.85 -6.29
C GLU A 22 -14.77 4.35 -6.05
N GLY A 23 -15.41 3.68 -6.96
CA GLY A 23 -15.58 2.20 -6.79
C GLY A 23 -14.21 1.52 -6.75
N ASP A 24 -13.32 1.99 -7.57
CA ASP A 24 -11.97 1.41 -7.60
C ASP A 24 -11.21 1.72 -6.32
N TYR A 25 -11.57 2.81 -5.69
CA TYR A 25 -10.89 3.18 -4.43
C TYR A 25 -11.37 2.33 -3.28
N GLN A 26 -12.57 1.83 -3.40
CA GLN A 26 -13.12 0.98 -2.32
C GLN A 26 -12.52 -0.42 -2.37
N VAL A 27 -12.67 -1.08 -3.49
CA VAL A 27 -12.10 -2.45 -3.61
C VAL A 27 -10.61 -2.44 -3.27
N LYS A 28 -9.90 -1.46 -3.75
CA LYS A 28 -8.44 -1.41 -3.45
C LYS A 28 -8.24 -1.29 -1.95
N LEU A 29 -8.81 -0.27 -1.39
CA LEU A 29 -8.68 -0.06 0.04
C LEU A 29 -9.21 -1.27 0.80
N ARG A 30 -10.18 -1.93 0.21
CA ARG A 30 -10.75 -3.11 0.88
C ARG A 30 -9.69 -4.19 0.99
N ASN A 31 -9.03 -4.46 -0.11
CA ASN A 31 -7.98 -5.50 -0.08
C ASN A 31 -6.85 -5.06 0.84
N LEU A 32 -6.25 -3.96 0.52
CA LEU A 32 -5.14 -3.46 1.36
C LEU A 32 -5.49 -3.56 2.84
N VAL A 33 -6.65 -3.07 3.19
CA VAL A 33 -7.07 -3.14 4.60
C VAL A 33 -7.19 -4.58 5.08
N ARG A 34 -8.06 -5.32 4.43
CA ARG A 34 -8.23 -6.74 4.83
C ARG A 34 -6.90 -7.48 4.80
N PHE A 35 -6.11 -7.19 3.81
CA PHE A 35 -4.79 -7.85 3.71
C PHE A 35 -4.03 -7.76 5.03
N LEU A 36 -4.02 -6.58 5.61
CA LEU A 36 -3.30 -6.42 6.90
C LEU A 36 -3.93 -7.29 7.98
N SER A 37 -5.25 -7.30 8.00
CA SER A 37 -5.95 -8.11 9.02
C SER A 37 -5.39 -9.54 9.05
N GLU A 38 -5.15 -10.08 7.89
CA GLU A 38 -4.60 -11.46 7.83
C GLU A 38 -3.21 -11.52 8.43
N GLY A 39 -2.70 -12.72 8.57
CA GLY A 39 -1.34 -12.87 9.15
C GLY A 39 -0.29 -12.83 8.04
N ASP A 40 0.10 -11.65 7.65
CA ASP A 40 1.12 -11.52 6.58
C ASP A 40 1.56 -10.08 6.42
N LYS A 41 1.86 -9.70 5.20
CA LYS A 41 2.30 -8.31 4.95
C LYS A 41 1.76 -7.82 3.61
N ALA A 42 1.78 -6.52 3.40
CA ALA A 42 1.27 -5.99 2.11
C ALA A 42 2.01 -4.72 1.71
N LYS A 43 2.03 -4.46 0.43
CA LYS A 43 2.73 -3.24 -0.06
C LYS A 43 2.00 -2.62 -1.24
N VAL A 44 2.05 -1.31 -1.31
CA VAL A 44 1.36 -0.60 -2.42
C VAL A 44 2.36 -0.01 -3.40
N SER A 45 2.22 -0.40 -4.65
CA SER A 45 3.16 0.12 -5.69
C SER A 45 2.45 1.15 -6.58
N LEU A 46 2.95 2.36 -6.55
CA LEU A 46 2.32 3.43 -7.38
C LEU A 46 3.14 3.68 -8.63
N ARG A 47 2.47 3.95 -9.72
CA ARG A 47 3.20 4.20 -11.00
C ARG A 47 3.23 5.69 -11.32
N PHE A 48 4.42 6.19 -11.59
CA PHE A 48 4.56 7.64 -11.91
C PHE A 48 5.06 7.81 -13.35
N ARG A 49 4.30 8.55 -14.12
CA ARG A 49 4.69 8.77 -15.52
C ARG A 49 3.81 9.85 -16.16
N GLY A 50 4.29 11.06 -16.16
CA GLY A 50 3.50 12.18 -16.76
C GLY A 50 3.72 13.46 -15.97
N ARG A 51 2.65 14.12 -15.60
CA ARG A 51 2.79 15.38 -14.84
C ARG A 51 3.78 15.20 -13.68
N GLU A 52 4.77 16.03 -13.65
CA GLU A 52 5.77 15.91 -12.55
C GLU A 52 5.38 16.78 -11.36
N MET A 53 4.57 17.78 -11.60
CA MET A 53 4.14 18.66 -10.49
C MET A 53 2.88 18.13 -9.82
N ALA A 54 1.83 17.99 -10.59
CA ALA A 54 0.55 17.48 -10.02
C ALA A 54 0.72 16.11 -9.36
N HIS A 55 1.02 15.12 -10.14
CA HIS A 55 1.21 13.75 -9.57
C HIS A 55 1.91 13.79 -8.22
N GLN A 56 3.01 14.50 -8.17
CA GLN A 56 3.77 14.57 -6.89
C GLN A 56 2.88 15.04 -5.75
N GLU A 57 2.26 16.17 -5.91
CA GLU A 57 1.37 16.69 -4.84
C GLU A 57 0.20 15.74 -4.57
N LEU A 58 -0.36 15.23 -5.63
CA LEU A 58 -1.50 14.30 -5.45
C LEU A 58 -1.04 12.95 -4.91
N GLY A 59 -0.18 12.29 -5.65
CA GLY A 59 0.33 10.96 -5.19
C GLY A 59 0.72 11.01 -3.71
N MET A 60 1.36 12.08 -3.32
CA MET A 60 1.77 12.20 -1.90
C MET A 60 0.57 12.48 -1.03
N GLU A 61 -0.29 13.32 -1.52
CA GLU A 61 -1.50 13.67 -0.74
C GLU A 61 -2.39 12.45 -0.57
N LEU A 62 -2.42 11.63 -1.57
CA LEU A 62 -3.27 10.42 -1.50
C LEU A 62 -2.76 9.48 -0.41
N LEU A 63 -1.58 8.96 -0.60
CA LEU A 63 -1.01 8.04 0.42
C LEU A 63 -1.20 8.59 1.83
N LYS A 64 -1.07 9.87 1.96
CA LYS A 64 -1.24 10.49 3.31
C LYS A 64 -2.63 10.22 3.87
N ARG A 65 -3.63 10.41 3.07
CA ARG A 65 -5.01 10.15 3.56
C ARG A 65 -5.25 8.67 3.85
N VAL A 66 -4.96 7.83 2.89
CA VAL A 66 -5.18 6.38 3.15
C VAL A 66 -4.30 5.93 4.29
N GLU A 67 -3.07 6.36 4.26
CA GLU A 67 -2.15 5.96 5.34
C GLU A 67 -2.81 6.13 6.69
N ALA A 68 -3.47 7.25 6.87
CA ALA A 68 -4.14 7.48 8.16
C ALA A 68 -5.26 6.48 8.39
N ASP A 69 -6.16 6.43 7.47
CA ASP A 69 -7.27 5.48 7.60
C ASP A 69 -6.76 4.09 7.94
N LEU A 70 -5.47 3.90 7.75
CA LEU A 70 -4.88 2.57 8.05
C LEU A 70 -4.24 2.54 9.44
N VAL A 71 -3.68 3.65 9.88
CA VAL A 71 -3.05 3.62 11.23
C VAL A 71 -4.05 3.09 12.22
N GLU A 72 -5.30 3.17 11.85
CA GLU A 72 -6.36 2.67 12.76
C GLU A 72 -6.68 1.22 12.45
N TYR A 73 -5.79 0.58 11.72
CA TYR A 73 -6.01 -0.85 11.35
C TYR A 73 -4.75 -1.42 10.71
N GLY A 74 -3.68 -0.71 10.85
CA GLY A 74 -2.41 -1.19 10.25
C GLY A 74 -1.25 -0.28 10.66
N THR A 75 -0.13 -0.44 10.00
CA THR A 75 1.04 0.40 10.34
C THR A 75 2.09 0.31 9.25
N VAL A 76 2.89 1.34 9.14
CA VAL A 76 3.95 1.35 8.11
C VAL A 76 5.27 0.86 8.68
N GLU A 77 5.94 0.01 7.94
CA GLU A 77 7.24 -0.54 8.40
C GLU A 77 8.37 0.12 7.61
N GLN A 78 7.99 0.73 6.53
CA GLN A 78 9.01 1.39 5.68
C GLN A 78 8.36 2.51 4.86
N HIS A 79 8.61 3.73 5.26
CA HIS A 79 8.03 4.86 4.51
C HIS A 79 8.32 4.73 3.02
N PRO A 80 7.52 5.38 2.21
CA PRO A 80 7.70 5.34 0.76
C PRO A 80 9.08 5.84 0.36
N LYS A 81 9.53 5.44 -0.78
CA LYS A 81 10.86 5.89 -1.25
C LYS A 81 10.88 6.04 -2.76
N LEU A 82 11.57 7.04 -3.22
CA LEU A 82 11.63 7.27 -4.67
C LEU A 82 12.80 6.52 -5.30
N GLU A 83 12.49 5.44 -5.98
CA GLU A 83 13.57 4.64 -6.62
C GLU A 83 13.10 4.08 -7.96
N GLY A 84 13.84 4.36 -9.00
CA GLY A 84 13.45 3.84 -10.35
C GLY A 84 12.13 4.48 -10.81
N ARG A 85 11.99 5.75 -10.53
CA ARG A 85 10.73 6.45 -10.94
C ARG A 85 9.50 5.75 -10.40
N GLN A 86 9.72 4.63 -9.73
CA GLN A 86 8.57 3.88 -9.16
C GLN A 86 8.48 4.10 -7.66
N LEU A 87 7.28 4.31 -7.17
CA LEU A 87 7.10 4.53 -5.70
C LEU A 87 6.48 3.31 -5.03
N MET A 88 7.22 2.71 -4.13
CA MET A 88 6.71 1.51 -3.41
C MET A 88 6.56 1.80 -1.92
N MET A 89 5.48 1.28 -1.36
CA MET A 89 5.24 1.51 0.10
C MET A 89 4.92 0.19 0.79
N VAL A 90 5.64 -0.08 1.85
CA VAL A 90 5.41 -1.34 2.60
C VAL A 90 4.60 -1.07 3.86
N ILE A 91 3.54 -1.84 4.05
CA ILE A 91 2.70 -1.66 5.26
C ILE A 91 2.59 -2.94 6.07
N ALA A 92 2.66 -2.79 7.38
CA ALA A 92 2.57 -3.96 8.27
C ALA A 92 1.21 -3.97 9.00
N PRO A 93 0.91 -5.10 9.60
CA PRO A 93 -0.35 -5.27 10.34
C PRO A 93 -0.49 -4.24 11.47
N LYS A 94 -1.65 -4.21 12.07
CA LYS A 94 -1.90 -3.25 13.18
C LYS A 94 -0.70 -3.17 14.12
N LYS A 95 -0.60 -2.07 14.81
CA LYS A 95 0.54 -1.90 15.76
C LYS A 95 0.26 -2.56 17.09
N LYS A 96 1.25 -3.23 17.63
CA LYS A 96 1.05 -3.91 18.95
C LYS A 96 1.61 -3.06 20.09
N LYS A 97 1.72 -3.65 21.24
CA LYS A 97 2.25 -2.90 22.40
C LYS A 97 3.02 -3.81 23.34
N VAL A 1 0.80 -17.70 17.94
CA VAL A 1 1.33 -18.81 17.11
C VAL A 1 0.45 -19.06 15.90
N ALA A 2 0.97 -19.81 14.96
CA ALA A 2 0.18 -20.12 13.73
C ALA A 2 0.27 -21.60 13.40
N LYS A 3 -0.85 -22.26 13.45
CA LYS A 3 -0.86 -23.72 13.13
C LYS A 3 0.01 -24.01 11.92
N LYS A 4 -0.48 -23.63 10.76
CA LYS A 4 0.30 -23.89 9.50
C LYS A 4 0.50 -22.59 8.73
N ASN A 5 0.09 -21.50 9.30
CA ASN A 5 0.25 -20.20 8.62
C ASN A 5 1.65 -19.62 8.88
N GLN A 6 2.63 -20.48 8.94
CA GLN A 6 4.02 -20.01 9.19
C GLN A 6 4.83 -20.02 7.90
N LYS A 7 6.10 -20.29 8.03
CA LYS A 7 6.96 -20.32 6.81
C LYS A 7 6.88 -19.02 6.04
N GLN A 8 6.77 -17.92 6.76
CA GLN A 8 6.68 -16.61 6.08
C GLN A 8 5.60 -16.61 5.02
N ALA A 9 4.41 -16.24 5.40
CA ALA A 9 3.29 -16.22 4.43
C ALA A 9 3.62 -15.30 3.26
N GLN A 10 3.13 -15.65 2.10
CA GLN A 10 3.40 -14.81 0.90
C GLN A 10 2.86 -13.40 1.11
N VAL A 11 3.74 -12.43 1.06
CA VAL A 11 3.30 -11.04 1.24
C VAL A 11 2.47 -10.57 0.07
N LYS A 12 1.52 -9.74 0.36
CA LYS A 12 0.64 -9.22 -0.71
C LYS A 12 1.02 -7.80 -1.12
N GLU A 13 0.83 -7.50 -2.37
CA GLU A 13 1.17 -6.15 -2.88
C GLU A 13 0.12 -5.70 -3.88
N ILE A 14 -0.44 -4.53 -3.67
CA ILE A 14 -1.48 -4.02 -4.61
C ILE A 14 -0.99 -2.82 -5.40
N LYS A 15 -0.85 -3.01 -6.68
CA LYS A 15 -0.38 -1.89 -7.54
C LYS A 15 -1.55 -0.99 -7.84
N PHE A 16 -1.27 0.28 -8.05
CA PHE A 16 -2.39 1.20 -8.35
C PHE A 16 -1.97 2.35 -9.26
N ARG A 17 -2.95 2.95 -9.88
CA ARG A 17 -2.68 4.09 -10.81
C ARG A 17 -3.32 5.38 -10.24
N PRO A 18 -2.53 6.43 -10.07
CA PRO A 18 -3.05 7.69 -9.54
C PRO A 18 -4.13 8.26 -10.45
N GLY A 19 -5.22 8.69 -9.83
CA GLY A 19 -6.33 9.27 -10.63
C GLY A 19 -7.42 8.21 -10.87
N THR A 20 -7.53 7.29 -9.96
CA THR A 20 -8.56 6.23 -10.11
C THR A 20 -9.96 6.79 -9.92
N GLU A 21 -10.88 5.90 -9.66
CA GLU A 21 -12.29 6.32 -9.45
C GLU A 21 -12.70 6.05 -8.02
N GLU A 22 -13.51 6.89 -7.46
CA GLU A 22 -13.94 6.69 -6.06
C GLU A 22 -14.31 5.24 -5.82
N GLY A 23 -14.91 4.63 -6.80
CA GLY A 23 -15.31 3.20 -6.63
C GLY A 23 -14.07 2.29 -6.62
N ASP A 24 -13.09 2.66 -7.40
CA ASP A 24 -11.85 1.84 -7.43
C ASP A 24 -10.98 2.11 -6.22
N TYR A 25 -11.06 3.32 -5.73
CA TYR A 25 -10.25 3.66 -4.55
C TYR A 25 -10.84 3.00 -3.32
N GLN A 26 -12.12 2.77 -3.37
CA GLN A 26 -12.79 2.12 -2.22
C GLN A 26 -12.43 0.64 -2.13
N VAL A 27 -12.65 -0.08 -3.20
CA VAL A 27 -12.31 -1.52 -3.16
C VAL A 27 -10.84 -1.72 -2.84
N LYS A 28 -9.99 -0.91 -3.43
CA LYS A 28 -8.54 -1.04 -3.14
C LYS A 28 -8.30 -1.03 -1.63
N LEU A 29 -8.83 -0.03 -0.98
CA LEU A 29 -8.65 0.06 0.48
C LEU A 29 -9.04 -1.26 1.14
N ARG A 30 -10.17 -1.77 0.74
CA ARG A 30 -10.64 -3.05 1.31
C ARG A 30 -9.64 -4.17 1.06
N ASN A 31 -8.97 -4.12 -0.07
CA ASN A 31 -7.98 -5.18 -0.36
C ASN A 31 -6.75 -5.04 0.53
N LEU A 32 -6.07 -3.93 0.41
CA LEU A 32 -4.86 -3.72 1.25
C LEU A 32 -5.14 -4.07 2.71
N VAL A 33 -6.21 -3.56 3.21
CA VAL A 33 -6.57 -3.84 4.62
C VAL A 33 -6.84 -5.33 4.83
N ARG A 34 -7.81 -5.83 4.14
CA ARG A 34 -8.14 -7.27 4.30
C ARG A 34 -6.88 -8.12 4.31
N PHE A 35 -5.92 -7.74 3.50
CA PHE A 35 -4.66 -8.52 3.47
C PHE A 35 -3.85 -8.28 4.74
N LEU A 36 -4.00 -7.13 5.35
CA LEU A 36 -3.23 -6.85 6.59
C LEU A 36 -3.77 -7.70 7.74
N SER A 37 -5.00 -8.12 7.61
CA SER A 37 -5.60 -8.94 8.68
C SER A 37 -5.44 -10.43 8.38
N GLU A 38 -5.20 -10.76 7.13
CA GLU A 38 -5.03 -12.18 6.77
C GLU A 38 -3.94 -12.36 5.72
N GLY A 39 -3.86 -11.41 4.83
CA GLY A 39 -2.83 -11.51 3.77
C GLY A 39 -1.44 -11.20 4.34
N ASP A 40 -1.34 -11.23 5.64
CA ASP A 40 -0.04 -10.95 6.30
C ASP A 40 0.43 -9.55 5.97
N LYS A 41 1.65 -9.44 5.54
CA LYS A 41 2.19 -8.11 5.20
C LYS A 41 1.53 -7.56 3.96
N ALA A 42 1.49 -6.25 3.86
CA ALA A 42 0.86 -5.62 2.67
C ALA A 42 1.63 -4.38 2.25
N LYS A 43 1.73 -4.17 0.96
CA LYS A 43 2.45 -2.98 0.47
C LYS A 43 1.79 -2.39 -0.77
N VAL A 44 1.85 -1.08 -0.87
CA VAL A 44 1.23 -0.40 -2.04
C VAL A 44 2.32 0.07 -3.00
N SER A 45 2.07 -0.11 -4.27
CA SER A 45 3.07 0.31 -5.29
C SER A 45 2.41 1.15 -6.38
N LEU A 46 2.80 2.40 -6.47
CA LEU A 46 2.21 3.28 -7.50
C LEU A 46 3.15 3.43 -8.68
N ARG A 47 2.66 3.11 -9.86
CA ARG A 47 3.51 3.22 -11.08
C ARG A 47 3.14 4.45 -11.88
N PHE A 48 4.15 5.16 -12.34
CA PHE A 48 3.89 6.38 -13.14
C PHE A 48 4.16 6.12 -14.62
N ARG A 49 3.37 6.75 -15.46
CA ARG A 49 3.55 6.56 -16.93
C ARG A 49 3.41 7.88 -17.66
N GLY A 50 2.61 8.75 -17.11
CA GLY A 50 2.41 10.09 -17.76
C GLY A 50 3.31 11.14 -17.11
N ARG A 51 2.71 12.22 -16.68
CA ARG A 51 3.51 13.29 -16.04
C ARG A 51 4.11 12.81 -14.72
N GLU A 52 5.31 13.24 -14.45
CA GLU A 52 5.96 12.82 -13.19
C GLU A 52 5.73 13.86 -12.08
N MET A 53 5.36 15.04 -12.47
CA MET A 53 5.12 16.11 -11.45
C MET A 53 3.67 16.09 -10.95
N ALA A 54 2.75 16.23 -11.85
CA ALA A 54 1.32 16.22 -11.44
C ALA A 54 1.02 15.02 -10.57
N HIS A 55 1.18 13.86 -11.13
CA HIS A 55 0.90 12.63 -10.36
C HIS A 55 1.64 12.65 -9.02
N GLN A 56 2.76 13.32 -8.98
CA GLN A 56 3.53 13.39 -7.71
C GLN A 56 2.66 13.94 -6.59
N GLU A 57 2.14 15.12 -6.80
CA GLU A 57 1.29 15.73 -5.75
C GLU A 57 0.08 14.85 -5.46
N LEU A 58 -0.43 14.22 -6.47
CA LEU A 58 -1.61 13.34 -6.27
C LEU A 58 -1.19 12.04 -5.57
N GLY A 59 0.06 11.70 -5.70
CA GLY A 59 0.54 10.45 -5.05
C GLY A 59 0.67 10.62 -3.53
N MET A 60 1.15 11.76 -3.12
CA MET A 60 1.29 12.01 -1.68
C MET A 60 -0.05 12.32 -1.05
N GLU A 61 -0.83 13.09 -1.75
CA GLU A 61 -2.17 13.44 -1.21
C GLU A 61 -2.99 12.19 -0.94
N LEU A 62 -2.95 11.26 -1.86
CA LEU A 62 -3.74 10.01 -1.68
C LEU A 62 -3.19 9.21 -0.51
N LEU A 63 -1.98 8.75 -0.64
CA LEU A 63 -1.37 7.96 0.46
C LEU A 63 -1.45 8.71 1.79
N LYS A 64 -1.38 10.00 1.74
CA LYS A 64 -1.44 10.78 2.99
C LYS A 64 -2.71 10.46 3.77
N ARG A 65 -3.85 10.72 3.16
CA ARG A 65 -5.13 10.44 3.84
C ARG A 65 -5.31 8.94 4.00
N VAL A 66 -4.97 8.21 2.98
CA VAL A 66 -5.12 6.76 3.05
C VAL A 66 -4.24 6.21 4.16
N GLU A 67 -3.00 6.61 4.14
CA GLU A 67 -2.06 6.14 5.18
C GLU A 67 -2.71 6.20 6.53
N ALA A 68 -3.35 7.31 6.82
CA ALA A 68 -4.00 7.43 8.14
C ALA A 68 -5.06 6.35 8.31
N ASP A 69 -5.93 6.25 7.34
CA ASP A 69 -6.99 5.24 7.43
C ASP A 69 -6.39 3.89 7.79
N LEU A 70 -5.10 3.75 7.57
CA LEU A 70 -4.45 2.45 7.90
C LEU A 70 -3.80 2.49 9.29
N VAL A 71 -3.42 3.65 9.76
CA VAL A 71 -2.78 3.68 11.10
C VAL A 71 -3.72 3.04 12.11
N GLU A 72 -4.98 3.01 11.76
CA GLU A 72 -5.98 2.40 12.67
C GLU A 72 -6.26 0.95 12.26
N TYR A 73 -5.44 0.45 11.37
CA TYR A 73 -5.63 -0.96 10.91
C TYR A 73 -4.28 -1.64 10.69
N GLY A 74 -3.22 -0.90 10.89
CA GLY A 74 -1.88 -1.50 10.69
C GLY A 74 -0.78 -0.49 11.04
N THR A 75 0.42 -0.77 10.60
CA THR A 75 1.54 0.16 10.90
C THR A 75 2.50 0.22 9.72
N VAL A 76 3.26 1.28 9.66
CA VAL A 76 4.23 1.41 8.54
C VAL A 76 5.52 0.66 8.85
N GLU A 77 5.97 -0.10 7.88
CA GLU A 77 7.23 -0.87 8.08
C GLU A 77 8.37 -0.25 7.29
N GLN A 78 8.02 0.53 6.31
CA GLN A 78 9.07 1.18 5.49
C GLN A 78 8.64 2.59 5.11
N HIS A 79 9.34 3.55 5.65
CA HIS A 79 8.99 4.96 5.34
C HIS A 79 8.83 5.15 3.82
N PRO A 80 7.82 5.91 3.42
CA PRO A 80 7.57 6.16 2.00
C PRO A 80 8.77 6.85 1.36
N LYS A 81 9.18 6.37 0.22
CA LYS A 81 10.34 7.01 -0.46
C LYS A 81 10.24 6.85 -1.96
N LEU A 82 10.68 7.87 -2.67
CA LEU A 82 10.62 7.82 -4.14
C LEU A 82 11.97 7.39 -4.72
N GLU A 83 11.93 6.52 -5.69
CA GLU A 83 13.20 6.06 -6.30
C GLU A 83 13.04 5.90 -7.81
N GLY A 84 13.97 6.46 -8.54
CA GLY A 84 13.89 6.36 -10.03
C GLY A 84 12.63 7.05 -10.54
N ARG A 85 11.61 6.28 -10.78
CA ARG A 85 10.35 6.87 -11.29
C ARG A 85 9.13 6.10 -10.78
N GLN A 86 9.20 5.65 -9.55
CA GLN A 86 8.05 4.90 -8.99
C GLN A 86 7.94 5.11 -7.47
N LEU A 87 6.71 5.16 -7.00
CA LEU A 87 6.49 5.37 -5.54
C LEU A 87 6.11 4.06 -4.87
N MET A 88 6.61 3.84 -3.69
CA MET A 88 6.28 2.58 -2.96
C MET A 88 6.18 2.80 -1.47
N MET A 89 5.30 2.05 -0.85
CA MET A 89 5.10 2.17 0.61
C MET A 89 4.88 0.80 1.21
N VAL A 90 5.19 0.65 2.48
CA VAL A 90 5.01 -0.68 3.13
C VAL A 90 4.23 -0.56 4.43
N ILE A 91 3.35 -1.53 4.64
CA ILE A 91 2.53 -1.54 5.88
C ILE A 91 2.61 -2.89 6.55
N ALA A 92 2.97 -2.90 7.81
CA ALA A 92 3.07 -4.19 8.53
C ALA A 92 1.71 -4.57 9.13
N PRO A 93 1.55 -5.87 9.37
CA PRO A 93 0.30 -6.38 9.94
C PRO A 93 0.04 -5.80 11.33
N LYS A 94 -1.21 -5.59 11.65
CA LYS A 94 -1.52 -5.02 12.98
C LYS A 94 -1.01 -5.93 14.11
N LYS A 95 -0.18 -6.87 13.77
CA LYS A 95 0.36 -7.79 14.80
C LYS A 95 1.48 -7.12 15.60
N LYS A 96 2.04 -7.86 16.52
CA LYS A 96 3.13 -7.29 17.34
C LYS A 96 4.49 -7.59 16.71
N LYS A 97 5.45 -6.78 17.03
CA LYS A 97 6.82 -7.00 16.46
C LYS A 97 7.65 -7.87 17.39
N VAL A 1 19.39 -9.92 -2.96
CA VAL A 1 19.66 -10.12 -1.51
C VAL A 1 20.40 -11.42 -1.27
N ALA A 2 21.61 -11.31 -0.80
CA ALA A 2 22.41 -12.53 -0.54
C ALA A 2 23.62 -12.22 0.33
N LYS A 3 23.47 -12.40 1.61
CA LYS A 3 24.59 -12.11 2.53
C LYS A 3 24.27 -12.60 3.94
N LYS A 4 24.17 -13.89 4.09
CA LYS A 4 23.86 -14.44 5.43
C LYS A 4 22.59 -13.83 5.99
N ASN A 5 21.53 -13.91 5.23
CA ASN A 5 20.24 -13.34 5.69
C ASN A 5 19.38 -14.40 6.35
N GLN A 6 18.12 -14.08 6.53
CA GLN A 6 17.18 -15.05 7.17
C GLN A 6 15.91 -15.20 6.33
N LYS A 7 15.03 -16.05 6.78
CA LYS A 7 13.78 -16.26 6.02
C LYS A 7 12.99 -14.96 5.92
N GLN A 8 11.76 -15.06 5.48
CA GLN A 8 10.93 -13.84 5.35
C GLN A 8 9.44 -14.18 5.34
N ALA A 9 8.63 -13.17 5.18
CA ALA A 9 7.15 -13.39 5.14
C ALA A 9 6.61 -13.15 3.74
N GLN A 10 5.58 -13.88 3.39
CA GLN A 10 5.00 -13.70 2.04
C GLN A 10 4.25 -12.38 1.95
N VAL A 11 4.88 -11.41 1.34
CA VAL A 11 4.21 -10.09 1.22
C VAL A 11 3.48 -9.97 -0.10
N LYS A 12 2.39 -9.27 -0.05
CA LYS A 12 1.57 -9.07 -1.27
C LYS A 12 1.65 -7.62 -1.72
N GLU A 13 1.35 -7.38 -2.97
CA GLU A 13 1.40 -5.99 -3.49
C GLU A 13 0.15 -5.64 -4.27
N ILE A 14 -0.44 -4.52 -3.91
CA ILE A 14 -1.67 -4.06 -4.60
C ILE A 14 -1.37 -2.79 -5.39
N LYS A 15 -1.69 -2.82 -6.65
CA LYS A 15 -1.42 -1.63 -7.50
C LYS A 15 -2.49 -0.55 -7.32
N PHE A 16 -2.10 0.68 -7.54
CA PHE A 16 -3.05 1.80 -7.38
C PHE A 16 -2.81 2.84 -8.48
N ARG A 17 -3.84 3.09 -9.26
CA ARG A 17 -3.68 4.10 -10.34
C ARG A 17 -4.08 5.50 -9.83
N PRO A 18 -3.20 6.48 -9.98
CA PRO A 18 -3.50 7.84 -9.53
C PRO A 18 -4.70 8.43 -10.26
N GLY A 19 -5.71 8.78 -9.52
CA GLY A 19 -6.93 9.36 -10.17
C GLY A 19 -7.84 8.24 -10.68
N THR A 20 -7.68 7.06 -10.13
CA THR A 20 -8.54 5.92 -10.58
C THR A 20 -10.02 6.25 -10.41
N GLU A 21 -10.85 5.28 -10.67
CA GLU A 21 -12.30 5.51 -10.53
C GLU A 21 -12.74 5.34 -9.08
N GLU A 22 -13.68 6.14 -8.66
CA GLU A 22 -14.15 6.04 -7.25
C GLU A 22 -14.37 4.58 -6.87
N GLY A 23 -14.95 3.83 -7.76
CA GLY A 23 -15.20 2.38 -7.46
C GLY A 23 -13.87 1.63 -7.33
N ASP A 24 -12.93 1.97 -8.17
CA ASP A 24 -11.62 1.29 -8.11
C ASP A 24 -10.87 1.66 -6.85
N TYR A 25 -11.10 2.85 -6.37
CA TYR A 25 -10.42 3.29 -5.14
C TYR A 25 -10.99 2.58 -3.92
N GLN A 26 -12.26 2.24 -4.01
CA GLN A 26 -12.89 1.54 -2.86
C GLN A 26 -12.39 0.11 -2.73
N VAL A 27 -12.56 -0.66 -3.77
CA VAL A 27 -12.08 -2.07 -3.72
C VAL A 27 -10.61 -2.13 -3.33
N LYS A 28 -9.82 -1.24 -3.86
CA LYS A 28 -8.38 -1.24 -3.52
C LYS A 28 -8.19 -1.14 -2.01
N LEU A 29 -8.67 -0.08 -1.43
CA LEU A 29 -8.52 0.07 0.03
C LEU A 29 -9.07 -1.16 0.74
N ARG A 30 -9.96 -1.85 0.09
CA ARG A 30 -10.53 -3.06 0.71
C ARG A 30 -9.51 -4.19 0.78
N ASN A 31 -8.80 -4.38 -0.30
CA ASN A 31 -7.78 -5.46 -0.30
C ASN A 31 -6.64 -5.12 0.65
N LEU A 32 -5.97 -4.03 0.37
CA LEU A 32 -4.85 -3.64 1.25
C LEU A 32 -5.21 -3.79 2.72
N VAL A 33 -6.32 -3.23 3.11
CA VAL A 33 -6.74 -3.34 4.52
C VAL A 33 -7.00 -4.79 4.93
N ARG A 34 -7.93 -5.42 4.27
CA ARG A 34 -8.23 -6.83 4.61
C ARG A 34 -6.94 -7.62 4.81
N PHE A 35 -5.97 -7.37 3.98
CA PHE A 35 -4.70 -8.10 4.12
C PHE A 35 -4.11 -7.86 5.51
N LEU A 36 -4.04 -6.61 5.92
CA LEU A 36 -3.46 -6.35 7.25
C LEU A 36 -4.19 -7.21 8.26
N SER A 37 -5.41 -7.54 7.93
CA SER A 37 -6.21 -8.38 8.84
C SER A 37 -5.61 -9.78 8.92
N GLU A 38 -5.11 -10.26 7.81
CA GLU A 38 -4.52 -11.61 7.81
C GLU A 38 -3.14 -11.58 8.42
N GLY A 39 -2.54 -12.73 8.53
CA GLY A 39 -1.17 -12.79 9.12
C GLY A 39 -0.13 -12.54 8.04
N ASP A 40 -0.10 -11.34 7.54
CA ASP A 40 0.89 -11.02 6.48
C ASP A 40 0.97 -9.51 6.22
N LYS A 41 2.01 -9.11 5.53
CA LYS A 41 2.19 -7.66 5.22
C LYS A 41 1.83 -7.37 3.77
N ALA A 42 1.74 -6.11 3.45
CA ALA A 42 1.40 -5.74 2.05
C ALA A 42 2.08 -4.45 1.65
N LYS A 43 2.20 -4.25 0.35
CA LYS A 43 2.87 -3.01 -0.15
C LYS A 43 2.03 -2.38 -1.25
N VAL A 44 2.05 -1.07 -1.31
CA VAL A 44 1.26 -0.37 -2.36
C VAL A 44 2.18 0.15 -3.45
N SER A 45 1.99 -0.37 -4.64
CA SER A 45 2.83 0.08 -5.78
C SER A 45 2.06 1.05 -6.64
N LEU A 46 2.52 2.27 -6.67
CA LEU A 46 1.83 3.30 -7.48
C LEU A 46 2.57 3.53 -8.79
N ARG A 47 1.85 3.45 -9.88
CA ARG A 47 2.49 3.67 -11.21
C ARG A 47 2.11 5.02 -11.80
N PHE A 48 3.09 5.80 -12.13
CA PHE A 48 2.80 7.13 -12.71
C PHE A 48 2.66 7.03 -14.23
N ARG A 49 1.51 7.41 -14.73
CA ARG A 49 1.29 7.34 -16.19
C ARG A 49 0.44 8.52 -16.67
N GLY A 50 1.11 9.54 -17.14
CA GLY A 50 0.36 10.73 -17.64
C GLY A 50 1.11 12.02 -17.29
N ARG A 51 0.58 12.78 -16.37
CA ARG A 51 1.25 14.04 -15.98
C ARG A 51 2.55 13.75 -15.23
N GLU A 52 3.23 14.79 -14.82
CA GLU A 52 4.50 14.60 -14.08
C GLU A 52 4.30 14.72 -12.57
N MET A 53 4.98 15.67 -11.97
CA MET A 53 4.84 15.86 -10.51
C MET A 53 3.38 16.00 -10.11
N ALA A 54 2.56 16.37 -11.04
CA ALA A 54 1.12 16.52 -10.71
C ALA A 54 0.63 15.33 -9.91
N HIS A 55 0.89 14.16 -10.42
CA HIS A 55 0.44 12.93 -9.70
C HIS A 55 1.24 12.73 -8.42
N GLN A 56 2.42 13.30 -8.37
CA GLN A 56 3.25 13.14 -7.16
C GLN A 56 2.64 13.90 -5.99
N GLU A 57 2.48 15.18 -6.16
CA GLU A 57 1.89 16.00 -5.07
C GLU A 57 0.56 15.42 -4.64
N LEU A 58 -0.25 15.06 -5.60
CA LEU A 58 -1.57 14.48 -5.25
C LEU A 58 -1.41 13.03 -4.81
N GLY A 59 -0.56 12.31 -5.49
CA GLY A 59 -0.35 10.89 -5.11
C GLY A 59 0.29 10.79 -3.74
N MET A 60 1.05 11.79 -3.38
CA MET A 60 1.72 11.79 -2.06
C MET A 60 0.71 12.13 -0.99
N GLU A 61 -0.03 13.18 -1.22
CA GLU A 61 -1.03 13.59 -0.22
C GLU A 61 -2.02 12.46 0.01
N LEU A 62 -2.28 11.73 -1.04
CA LEU A 62 -3.23 10.60 -0.93
C LEU A 62 -2.71 9.56 0.05
N LEU A 63 -1.54 9.05 -0.22
CA LEU A 63 -0.97 8.03 0.69
C LEU A 63 -1.03 8.48 2.14
N LYS A 64 -0.86 9.75 2.35
CA LYS A 64 -0.91 10.24 3.75
C LYS A 64 -2.30 10.03 4.34
N ARG A 65 -3.31 10.31 3.55
CA ARG A 65 -4.69 10.13 4.05
C ARG A 65 -4.98 8.67 4.36
N VAL A 66 -4.79 7.81 3.38
CA VAL A 66 -5.05 6.38 3.63
C VAL A 66 -4.22 5.90 4.79
N GLU A 67 -2.97 6.25 4.79
CA GLU A 67 -2.09 5.82 5.90
C GLU A 67 -2.80 6.06 7.21
N ALA A 68 -3.50 7.17 7.29
CA ALA A 68 -4.22 7.46 8.55
C ALA A 68 -5.26 6.40 8.81
N ASP A 69 -6.07 6.15 7.84
CA ASP A 69 -7.10 5.11 8.01
C ASP A 69 -6.45 3.77 8.29
N LEU A 70 -5.16 3.72 8.07
CA LEU A 70 -4.42 2.46 8.31
C LEU A 70 -3.71 2.47 9.66
N VAL A 71 -3.11 3.57 10.01
CA VAL A 71 -2.41 3.61 11.32
C VAL A 71 -3.35 3.17 12.43
N GLU A 72 -4.63 3.29 12.15
CA GLU A 72 -5.64 2.89 13.16
C GLU A 72 -6.05 1.44 12.94
N TYR A 73 -5.58 0.88 11.85
CA TYR A 73 -5.92 -0.54 11.52
C TYR A 73 -4.66 -1.28 11.06
N GLY A 74 -3.53 -0.73 11.38
CA GLY A 74 -2.25 -1.38 10.97
C GLY A 74 -1.07 -0.50 11.37
N THR A 75 0.04 -0.70 10.73
CA THR A 75 1.23 0.12 11.06
C THR A 75 2.20 0.17 9.88
N VAL A 76 3.00 1.20 9.84
CA VAL A 76 3.98 1.32 8.73
C VAL A 76 5.30 0.66 9.09
N GLU A 77 5.91 0.02 8.10
CA GLU A 77 7.22 -0.64 8.34
C GLU A 77 8.31 -0.04 7.46
N GLN A 78 7.89 0.67 6.45
CA GLN A 78 8.87 1.30 5.54
C GLN A 78 8.27 2.53 4.86
N HIS A 79 8.92 3.65 5.03
CA HIS A 79 8.39 4.89 4.40
C HIS A 79 8.57 4.84 2.87
N PRO A 80 7.66 5.49 2.15
CA PRO A 80 7.72 5.52 0.70
C PRO A 80 9.06 6.09 0.21
N LYS A 81 9.41 5.74 -1.00
CA LYS A 81 10.68 6.24 -1.56
C LYS A 81 10.62 6.25 -3.07
N LEU A 82 11.42 7.06 -3.66
CA LEU A 82 11.44 7.13 -5.13
C LEU A 82 12.38 6.09 -5.72
N GLU A 83 11.96 5.49 -6.80
CA GLU A 83 12.82 4.45 -7.45
C GLU A 83 12.75 4.58 -8.97
N GLY A 84 13.71 5.26 -9.52
CA GLY A 84 13.72 5.43 -11.00
C GLY A 84 12.45 6.15 -11.47
N ARG A 85 11.38 5.42 -11.56
CA ARG A 85 10.09 6.05 -12.00
C ARG A 85 8.90 5.33 -11.40
N GLN A 86 9.14 4.63 -10.31
CA GLN A 86 8.02 3.89 -9.64
C GLN A 86 7.94 4.21 -8.16
N LEU A 87 6.74 4.33 -7.66
CA LEU A 87 6.56 4.64 -6.21
C LEU A 87 6.14 3.37 -5.47
N MET A 88 6.63 3.22 -4.27
CA MET A 88 6.27 2.02 -3.49
C MET A 88 6.16 2.33 -2.01
N MET A 89 5.25 1.64 -1.35
CA MET A 89 5.06 1.86 0.10
C MET A 89 4.92 0.50 0.79
N VAL A 90 5.10 0.49 2.09
CA VAL A 90 4.97 -0.80 2.83
C VAL A 90 4.19 -0.63 4.12
N ILE A 91 3.16 -1.43 4.26
CA ILE A 91 2.32 -1.37 5.49
C ILE A 91 2.35 -2.71 6.19
N ALA A 92 2.22 -2.69 7.50
CA ALA A 92 2.24 -3.97 8.27
C ALA A 92 1.00 -4.09 9.17
N PRO A 93 0.66 -5.32 9.50
CA PRO A 93 -0.50 -5.60 10.35
C PRO A 93 -0.34 -4.98 11.74
N LYS A 94 -1.44 -4.66 12.36
CA LYS A 94 -1.36 -4.06 13.71
C LYS A 94 -1.09 -5.14 14.77
N LYS A 95 -2.09 -5.42 15.57
CA LYS A 95 -1.92 -6.46 16.63
C LYS A 95 -0.76 -6.12 17.55
N LYS A 96 -0.62 -6.86 18.61
CA LYS A 96 0.48 -6.59 19.57
C LYS A 96 1.77 -7.29 19.11
N LYS A 97 2.26 -8.16 19.95
CA LYS A 97 3.50 -8.88 19.57
C LYS A 97 3.32 -9.63 18.26
N VAL A 1 -7.61 -23.49 16.97
CA VAL A 1 -6.45 -24.37 16.65
C VAL A 1 -5.18 -23.55 16.46
N ALA A 2 -4.07 -24.23 16.42
CA ALA A 2 -2.78 -23.51 16.24
C ALA A 2 -1.71 -24.44 15.71
N LYS A 3 -1.65 -25.64 16.26
CA LYS A 3 -0.64 -26.61 15.79
C LYS A 3 -0.58 -26.61 14.27
N LYS A 4 -1.71 -26.39 13.66
CA LYS A 4 -1.76 -26.37 12.18
C LYS A 4 -2.83 -25.39 11.70
N ASN A 5 -2.44 -24.49 10.83
CA ASN A 5 -3.42 -23.50 10.32
C ASN A 5 -3.39 -23.44 8.79
N GLN A 6 -3.62 -22.27 8.26
CA GLN A 6 -3.62 -22.13 6.78
C GLN A 6 -2.25 -21.68 6.28
N LYS A 7 -2.24 -20.97 5.19
CA LYS A 7 -0.95 -20.48 4.63
C LYS A 7 -0.62 -19.09 5.16
N GLN A 8 -1.42 -18.13 4.76
CA GLN A 8 -1.19 -16.73 5.21
C GLN A 8 0.28 -16.38 5.24
N ALA A 9 0.65 -15.42 6.05
CA ALA A 9 2.07 -15.03 6.12
C ALA A 9 2.53 -14.45 4.80
N GLN A 10 3.82 -14.45 4.59
CA GLN A 10 4.37 -13.89 3.32
C GLN A 10 3.91 -12.45 3.11
N VAL A 11 4.40 -11.84 2.06
CA VAL A 11 4.01 -10.44 1.77
C VAL A 11 3.14 -10.35 0.54
N LYS A 12 2.24 -9.42 0.58
CA LYS A 12 1.30 -9.23 -0.56
C LYS A 12 1.54 -7.86 -1.18
N GLU A 13 1.13 -7.71 -2.42
CA GLU A 13 1.32 -6.42 -3.11
C GLU A 13 0.10 -6.03 -3.91
N ILE A 14 -0.20 -4.75 -3.93
CA ILE A 14 -1.38 -4.26 -4.69
C ILE A 14 -0.99 -3.10 -5.61
N LYS A 15 -1.30 -3.25 -6.86
CA LYS A 15 -0.96 -2.18 -7.82
C LYS A 15 -2.02 -1.08 -7.79
N PHE A 16 -1.60 0.12 -8.02
CA PHE A 16 -2.57 1.24 -8.01
C PHE A 16 -2.14 2.34 -8.96
N ARG A 17 -3.10 3.10 -9.42
CA ARG A 17 -2.79 4.21 -10.37
C ARG A 17 -3.35 5.54 -9.83
N PRO A 18 -2.54 6.59 -9.81
CA PRO A 18 -2.99 7.89 -9.32
C PRO A 18 -4.19 8.39 -10.12
N GLY A 19 -5.16 8.90 -9.42
CA GLY A 19 -6.37 9.41 -10.12
C GLY A 19 -7.47 8.35 -10.14
N THR A 20 -7.45 7.48 -9.17
CA THR A 20 -8.47 6.41 -9.12
C THR A 20 -9.85 6.98 -8.82
N GLU A 21 -10.86 6.34 -9.33
CA GLU A 21 -12.24 6.83 -9.08
C GLU A 21 -12.63 6.63 -7.62
N GLU A 22 -13.89 6.78 -7.35
CA GLU A 22 -14.37 6.61 -5.96
C GLU A 22 -14.50 5.13 -5.60
N GLY A 23 -15.20 4.40 -6.42
CA GLY A 23 -15.38 2.94 -6.13
C GLY A 23 -14.04 2.21 -6.14
N ASP A 24 -13.33 2.30 -7.23
CA ASP A 24 -12.01 1.62 -7.32
C ASP A 24 -11.13 1.97 -6.12
N TYR A 25 -11.32 3.15 -5.60
CA TYR A 25 -10.50 3.56 -4.43
C TYR A 25 -10.97 2.84 -3.18
N GLN A 26 -12.24 2.53 -3.14
CA GLN A 26 -12.79 1.82 -1.96
C GLN A 26 -12.44 0.34 -1.98
N VAL A 27 -12.76 -0.33 -3.06
CA VAL A 27 -12.45 -1.78 -3.13
C VAL A 27 -10.96 -2.01 -2.87
N LYS A 28 -10.12 -1.23 -3.51
CA LYS A 28 -8.67 -1.42 -3.29
C LYS A 28 -8.37 -1.26 -1.82
N LEU A 29 -8.91 -0.24 -1.24
CA LEU A 29 -8.66 -0.02 0.20
C LEU A 29 -9.04 -1.28 0.96
N ARG A 30 -9.94 -2.04 0.38
CA ARG A 30 -10.37 -3.29 1.03
C ARG A 30 -9.27 -4.33 0.97
N ASN A 31 -8.82 -4.62 -0.22
CA ASN A 31 -7.75 -5.62 -0.36
C ASN A 31 -6.60 -5.27 0.58
N LEU A 32 -6.04 -4.11 0.38
CA LEU A 32 -4.92 -3.67 1.25
C LEU A 32 -5.29 -3.88 2.71
N VAL A 33 -6.46 -3.44 3.08
CA VAL A 33 -6.89 -3.61 4.48
C VAL A 33 -7.03 -5.09 4.84
N ARG A 34 -7.91 -5.75 4.15
CA ARG A 34 -8.11 -7.20 4.44
C ARG A 34 -6.78 -7.92 4.51
N PHE A 35 -5.86 -7.53 3.66
CA PHE A 35 -4.53 -8.18 3.68
C PHE A 35 -3.88 -8.01 5.04
N LEU A 36 -3.97 -6.83 5.58
CA LEU A 36 -3.35 -6.58 6.91
C LEU A 36 -3.99 -7.47 7.97
N SER A 37 -5.25 -7.73 7.81
CA SER A 37 -5.95 -8.60 8.80
C SER A 37 -5.49 -10.04 8.68
N GLU A 38 -5.38 -10.51 7.46
CA GLU A 38 -4.95 -11.91 7.26
C GLU A 38 -3.68 -12.21 8.06
N GLY A 39 -3.04 -11.18 8.52
CA GLY A 39 -1.79 -11.39 9.31
C GLY A 39 -0.57 -11.25 8.41
N ASP A 40 -0.83 -11.08 7.14
CA ASP A 40 0.30 -10.93 6.17
C ASP A 40 0.55 -9.45 5.88
N LYS A 41 1.80 -9.12 5.67
CA LYS A 41 2.12 -7.70 5.37
C LYS A 41 1.62 -7.32 4.00
N ALA A 42 1.69 -6.05 3.67
CA ALA A 42 1.21 -5.62 2.33
C ALA A 42 1.99 -4.41 1.82
N LYS A 43 2.48 -4.55 0.60
CA LYS A 43 3.26 -3.45 -0.01
C LYS A 43 2.44 -2.77 -1.11
N VAL A 44 2.63 -1.47 -1.24
CA VAL A 44 1.88 -0.72 -2.30
C VAL A 44 2.79 -0.25 -3.40
N SER A 45 2.28 -0.26 -4.61
CA SER A 45 3.12 0.19 -5.77
C SER A 45 2.30 1.08 -6.69
N LEU A 46 2.68 2.33 -6.79
CA LEU A 46 1.94 3.27 -7.69
C LEU A 46 2.77 3.65 -8.90
N ARG A 47 2.14 3.65 -10.05
CA ARG A 47 2.87 4.01 -11.30
C ARG A 47 2.47 5.41 -11.75
N PHE A 48 3.45 6.26 -11.93
CA PHE A 48 3.15 7.64 -12.36
C PHE A 48 3.08 7.74 -13.89
N ARG A 49 2.25 8.63 -14.36
CA ARG A 49 2.12 8.80 -15.84
C ARG A 49 1.43 10.12 -16.16
N GLY A 50 2.23 11.14 -16.37
CA GLY A 50 1.65 12.47 -16.70
C GLY A 50 2.44 13.59 -16.03
N ARG A 51 1.79 14.69 -15.77
CA ARG A 51 2.50 15.82 -15.13
C ARG A 51 3.10 15.38 -13.80
N GLU A 52 4.41 15.27 -13.78
CA GLU A 52 5.08 14.85 -12.53
C GLU A 52 4.78 15.82 -11.39
N MET A 53 4.91 17.08 -11.66
CA MET A 53 4.64 18.09 -10.62
C MET A 53 3.32 17.80 -9.91
N ALA A 54 2.26 17.78 -10.67
CA ALA A 54 0.93 17.50 -10.06
C ALA A 54 0.90 16.10 -9.46
N HIS A 55 1.32 15.13 -10.22
CA HIS A 55 1.33 13.74 -9.71
C HIS A 55 2.12 13.63 -8.41
N GLN A 56 3.20 14.36 -8.32
CA GLN A 56 4.01 14.30 -7.08
C GLN A 56 3.20 14.74 -5.88
N GLU A 57 2.61 15.90 -5.96
CA GLU A 57 1.80 16.41 -4.82
C GLU A 57 0.58 15.52 -4.60
N LEU A 58 -0.02 15.09 -5.67
CA LEU A 58 -1.22 14.23 -5.54
C LEU A 58 -0.83 12.84 -5.04
N GLY A 59 0.11 12.23 -5.71
CA GLY A 59 0.54 10.86 -5.28
C GLY A 59 0.98 10.87 -3.82
N MET A 60 1.48 11.98 -3.37
CA MET A 60 1.92 12.07 -1.96
C MET A 60 0.73 12.21 -1.04
N GLU A 61 -0.13 13.13 -1.37
CA GLU A 61 -1.32 13.34 -0.53
C GLU A 61 -2.21 12.11 -0.57
N LEU A 62 -2.11 11.37 -1.65
CA LEU A 62 -2.94 10.16 -1.77
C LEU A 62 -2.50 9.11 -0.75
N LEU A 63 -1.26 8.74 -0.82
CA LEU A 63 -0.75 7.73 0.13
C LEU A 63 -0.90 8.22 1.55
N LYS A 64 -0.99 9.50 1.71
CA LYS A 64 -1.14 10.06 3.07
C LYS A 64 -2.55 9.81 3.59
N ARG A 65 -3.51 9.97 2.72
CA ARG A 65 -4.92 9.75 3.13
C ARG A 65 -5.18 8.27 3.45
N VAL A 66 -4.80 7.41 2.54
CA VAL A 66 -5.03 5.97 2.79
C VAL A 66 -4.27 5.55 4.03
N GLU A 67 -3.02 5.87 4.07
CA GLU A 67 -2.20 5.50 5.23
C GLU A 67 -2.96 5.81 6.50
N ALA A 68 -3.63 6.92 6.51
CA ALA A 68 -4.39 7.29 7.73
C ALA A 68 -5.55 6.33 7.94
N ASP A 69 -6.38 6.23 6.95
CA ASP A 69 -7.52 5.31 7.07
C ASP A 69 -7.05 3.95 7.56
N LEU A 70 -5.75 3.76 7.50
CA LEU A 70 -5.19 2.48 7.95
C LEU A 70 -4.60 2.57 9.35
N VAL A 71 -4.17 3.75 9.77
CA VAL A 71 -3.61 3.83 11.14
C VAL A 71 -4.60 3.21 12.09
N GLU A 72 -5.84 3.20 11.68
CA GLU A 72 -6.90 2.61 12.55
C GLU A 72 -6.94 1.10 12.37
N TYR A 73 -6.39 0.64 11.28
CA TYR A 73 -6.39 -0.83 11.01
C TYR A 73 -5.12 -1.22 10.28
N GLY A 74 -4.01 -0.67 10.71
CA GLY A 74 -2.71 -1.01 10.05
C GLY A 74 -1.62 -0.04 10.50
N THR A 75 -0.42 -0.30 10.11
CA THR A 75 0.70 0.60 10.51
C THR A 75 1.79 0.64 9.45
N VAL A 76 2.66 1.59 9.57
CA VAL A 76 3.76 1.71 8.59
C VAL A 76 4.86 0.70 8.88
N GLU A 77 5.45 0.18 7.84
CA GLU A 77 6.54 -0.82 8.01
C GLU A 77 7.82 -0.32 7.38
N GLN A 78 7.71 0.66 6.54
CA GLN A 78 8.91 1.21 5.87
C GLN A 78 8.60 2.52 5.16
N HIS A 79 9.26 3.56 5.59
CA HIS A 79 9.05 4.88 4.96
C HIS A 79 8.98 4.73 3.44
N PRO A 80 8.24 5.63 2.79
CA PRO A 80 8.10 5.57 1.34
C PRO A 80 9.47 5.49 0.67
N LYS A 81 9.51 4.85 -0.48
CA LYS A 81 10.80 4.71 -1.21
C LYS A 81 10.66 5.14 -2.65
N LEU A 82 11.62 5.90 -3.12
CA LEU A 82 11.58 6.38 -4.52
C LEU A 82 12.50 5.52 -5.38
N GLU A 83 11.95 4.95 -6.42
CA GLU A 83 12.78 4.10 -7.32
C GLU A 83 12.46 4.36 -8.77
N GLY A 84 13.48 4.61 -9.55
CA GLY A 84 13.26 4.88 -10.99
C GLY A 84 12.20 5.98 -11.18
N ARG A 85 10.97 5.57 -11.30
CA ARG A 85 9.89 6.57 -11.49
C ARG A 85 8.58 6.06 -10.89
N GLN A 86 8.69 5.21 -9.89
CA GLN A 86 7.47 4.66 -9.24
C GLN A 86 7.51 4.89 -7.73
N LEU A 87 6.35 5.04 -7.16
CA LEU A 87 6.27 5.26 -5.70
C LEU A 87 5.83 3.98 -5.01
N MET A 88 6.39 3.71 -3.86
CA MET A 88 6.01 2.46 -3.15
C MET A 88 6.00 2.67 -1.64
N MET A 89 5.00 2.13 -1.00
CA MET A 89 4.89 2.26 0.47
C MET A 89 4.58 0.92 1.11
N VAL A 90 5.29 0.61 2.16
CA VAL A 90 5.06 -0.68 2.84
C VAL A 90 4.26 -0.50 4.13
N ILE A 91 3.34 -1.41 4.36
CA ILE A 91 2.50 -1.32 5.59
C ILE A 91 2.59 -2.62 6.39
N ALA A 92 2.57 -2.50 7.69
CA ALA A 92 2.65 -3.70 8.57
C ALA A 92 1.28 -4.04 9.17
N PRO A 93 1.18 -5.21 9.75
CA PRO A 93 -0.06 -5.67 10.36
C PRO A 93 -0.54 -4.71 11.46
N LYS A 94 -1.77 -4.86 11.85
CA LYS A 94 -2.31 -3.96 12.91
C LYS A 94 -1.53 -4.11 14.22
N LYS A 95 -2.11 -3.63 15.29
CA LYS A 95 -1.44 -3.73 16.61
C LYS A 95 -2.42 -4.16 17.68
N LYS A 96 -1.95 -4.96 18.60
CA LYS A 96 -2.85 -5.43 19.68
C LYS A 96 -2.98 -4.37 20.78
N LYS A 97 -1.86 -3.83 21.18
CA LYS A 97 -1.89 -2.79 22.24
C LYS A 97 -0.56 -2.08 22.33
N VAL A 1 -4.53 -19.67 -0.70
CA VAL A 1 -4.77 -20.98 -0.05
C VAL A 1 -3.75 -22.00 -0.51
N ALA A 2 -3.08 -22.62 0.44
CA ALA A 2 -2.06 -23.64 0.09
C ALA A 2 -2.63 -25.04 0.19
N LYS A 3 -1.84 -26.01 -0.19
CA LYS A 3 -2.31 -27.42 -0.13
C LYS A 3 -1.13 -28.38 -0.25
N LYS A 4 -0.15 -27.99 -1.02
CA LYS A 4 1.03 -28.88 -1.21
C LYS A 4 2.33 -28.06 -1.14
N ASN A 5 2.19 -26.76 -1.09
CA ASN A 5 3.38 -25.90 -1.02
C ASN A 5 3.75 -25.58 0.43
N GLN A 6 4.91 -26.00 0.84
CA GLN A 6 5.32 -25.72 2.24
C GLN A 6 5.16 -24.25 2.59
N LYS A 7 5.96 -23.43 1.96
CA LYS A 7 5.85 -21.97 2.24
C LYS A 7 4.55 -21.40 1.70
N GLN A 8 4.07 -20.36 2.34
CA GLN A 8 2.79 -19.75 1.87
C GLN A 8 2.56 -18.41 2.57
N ALA A 9 1.39 -17.86 2.36
CA ALA A 9 1.07 -16.56 3.01
C ALA A 9 2.18 -15.55 2.75
N GLN A 10 2.64 -15.50 1.53
CA GLN A 10 3.72 -14.53 1.19
C GLN A 10 3.19 -13.10 1.21
N VAL A 11 4.08 -12.17 1.04
CA VAL A 11 3.64 -10.76 1.05
C VAL A 11 2.85 -10.44 -0.19
N LYS A 12 1.90 -9.58 -0.02
CA LYS A 12 1.04 -9.16 -1.15
C LYS A 12 1.35 -7.73 -1.58
N GLU A 13 1.01 -7.41 -2.79
CA GLU A 13 1.28 -6.03 -3.29
C GLU A 13 0.11 -5.53 -4.13
N ILE A 14 -0.26 -4.29 -3.91
CA ILE A 14 -1.38 -3.70 -4.69
C ILE A 14 -0.91 -2.49 -5.48
N LYS A 15 -1.09 -2.54 -6.77
CA LYS A 15 -0.67 -1.39 -7.60
C LYS A 15 -1.72 -0.30 -7.55
N PHE A 16 -1.30 0.94 -7.69
CA PHE A 16 -2.28 2.06 -7.66
C PHE A 16 -2.13 2.96 -8.86
N ARG A 17 -3.21 3.20 -9.54
CA ARG A 17 -3.15 4.08 -10.72
C ARG A 17 -3.33 5.54 -10.27
N PRO A 18 -2.44 6.42 -10.69
CA PRO A 18 -2.54 7.83 -10.31
C PRO A 18 -3.89 8.42 -10.69
N GLY A 19 -4.72 7.60 -11.30
CA GLY A 19 -6.07 8.07 -11.72
C GLY A 19 -7.14 7.34 -10.91
N THR A 20 -6.75 6.82 -9.78
CA THR A 20 -7.74 6.11 -8.93
C THR A 20 -8.83 7.04 -8.45
N GLU A 21 -10.06 6.65 -8.67
CA GLU A 21 -11.19 7.50 -8.23
C GLU A 21 -11.72 7.04 -6.88
N GLU A 22 -12.94 7.41 -6.58
CA GLU A 22 -13.52 7.00 -5.28
C GLU A 22 -13.79 5.49 -5.25
N GLY A 23 -14.53 5.02 -6.21
CA GLY A 23 -14.83 3.56 -6.25
C GLY A 23 -13.55 2.72 -6.22
N ASP A 24 -12.65 3.01 -7.11
CA ASP A 24 -11.38 2.25 -7.15
C ASP A 24 -10.58 2.45 -5.86
N TYR A 25 -10.76 3.58 -5.24
CA TYR A 25 -10.02 3.83 -3.97
C TYR A 25 -10.60 3.00 -2.83
N GLN A 26 -11.85 2.64 -2.97
CA GLN A 26 -12.49 1.82 -1.91
C GLN A 26 -12.07 0.36 -2.00
N VAL A 27 -12.34 -0.24 -3.13
CA VAL A 27 -11.95 -1.68 -3.28
C VAL A 27 -10.47 -1.87 -2.98
N LYS A 28 -9.67 -1.00 -3.50
CA LYS A 28 -8.21 -1.11 -3.26
C LYS A 28 -7.93 -1.08 -1.77
N LEU A 29 -8.28 0.02 -1.18
CA LEU A 29 -8.06 0.17 0.24
C LEU A 29 -8.60 -1.04 0.98
N ARG A 30 -9.71 -1.54 0.54
CA ARG A 30 -10.29 -2.72 1.22
C ARG A 30 -9.31 -3.88 1.12
N ASN A 31 -8.78 -4.10 -0.04
CA ASN A 31 -7.82 -5.22 -0.20
C ASN A 31 -6.66 -5.03 0.75
N LEU A 32 -5.96 -3.94 0.59
CA LEU A 32 -4.80 -3.68 1.47
C LEU A 32 -5.20 -3.95 2.92
N VAL A 33 -6.28 -3.36 3.32
CA VAL A 33 -6.75 -3.55 4.71
C VAL A 33 -7.14 -5.00 4.98
N ARG A 34 -8.12 -5.50 4.27
CA ARG A 34 -8.54 -6.91 4.49
C ARG A 34 -7.33 -7.84 4.47
N PHE A 35 -6.38 -7.52 3.63
CA PHE A 35 -5.17 -8.38 3.56
C PHE A 35 -4.45 -8.40 4.89
N LEU A 36 -4.37 -7.27 5.52
CA LEU A 36 -3.68 -7.22 6.84
C LEU A 36 -4.49 -7.95 7.90
N SER A 37 -5.77 -7.68 7.94
CA SER A 37 -6.63 -8.36 8.94
C SER A 37 -6.30 -9.85 9.03
N GLU A 38 -6.36 -10.50 7.90
CA GLU A 38 -6.06 -11.96 7.89
C GLU A 38 -4.76 -12.25 8.63
N GLY A 39 -3.67 -11.78 8.09
CA GLY A 39 -2.36 -12.02 8.76
C GLY A 39 -1.23 -12.06 7.72
N ASP A 40 -1.09 -10.99 6.99
CA ASP A 40 -0.03 -10.94 5.95
C ASP A 40 0.40 -9.50 5.68
N LYS A 41 1.67 -9.32 5.46
CA LYS A 41 2.17 -7.94 5.18
C LYS A 41 1.73 -7.47 3.81
N ALA A 42 1.73 -6.17 3.63
CA ALA A 42 1.30 -5.62 2.31
C ALA A 42 2.29 -4.58 1.80
N LYS A 43 2.27 -4.38 0.51
CA LYS A 43 3.18 -3.38 -0.09
C LYS A 43 2.44 -2.55 -1.13
N VAL A 44 2.59 -1.25 -1.05
CA VAL A 44 1.90 -0.36 -2.03
C VAL A 44 2.88 0.09 -3.09
N SER A 45 2.43 0.09 -4.32
CA SER A 45 3.34 0.52 -5.42
C SER A 45 2.62 1.47 -6.36
N LEU A 46 3.07 2.70 -6.39
CA LEU A 46 2.44 3.70 -7.28
C LEU A 46 3.32 3.93 -8.51
N ARG A 47 2.72 3.82 -9.68
CA ARG A 47 3.49 4.02 -10.93
C ARG A 47 3.11 5.33 -11.64
N PHE A 48 4.11 6.06 -12.06
CA PHE A 48 3.85 7.35 -12.76
C PHE A 48 4.06 7.19 -14.26
N ARG A 49 3.06 7.56 -15.03
CA ARG A 49 3.18 7.43 -16.51
C ARG A 49 3.33 8.80 -17.18
N GLY A 50 2.21 9.44 -17.42
CA GLY A 50 2.27 10.78 -18.07
C GLY A 50 2.93 11.81 -17.16
N ARG A 51 2.38 12.99 -17.15
CA ARG A 51 2.96 14.06 -16.29
C ARG A 51 3.25 13.53 -14.89
N GLU A 52 4.43 13.84 -14.40
CA GLU A 52 4.80 13.37 -13.04
C GLU A 52 4.60 14.47 -12.01
N MET A 53 4.19 15.62 -12.46
CA MET A 53 3.97 16.74 -11.52
C MET A 53 2.58 16.66 -10.90
N ALA A 54 1.58 16.71 -11.74
CA ALA A 54 0.19 16.64 -11.21
C ALA A 54 -0.05 15.29 -10.53
N HIS A 55 0.46 14.25 -11.14
CA HIS A 55 0.27 12.91 -10.56
C HIS A 55 0.88 12.84 -9.17
N GLN A 56 2.04 13.42 -9.01
CA GLN A 56 2.69 13.40 -7.68
C GLN A 56 1.78 13.99 -6.63
N GLU A 57 1.36 15.21 -6.85
CA GLU A 57 0.46 15.87 -5.87
C GLU A 57 -0.71 14.97 -5.53
N LEU A 58 -1.28 14.36 -6.53
CA LEU A 58 -2.43 13.47 -6.28
C LEU A 58 -1.97 12.17 -5.64
N GLY A 59 -0.82 11.70 -6.07
CA GLY A 59 -0.29 10.43 -5.51
C GLY A 59 0.10 10.63 -4.04
N MET A 60 0.62 11.79 -3.72
CA MET A 60 1.03 12.04 -2.33
C MET A 60 -0.21 12.20 -1.46
N GLU A 61 -1.18 12.90 -1.97
CA GLU A 61 -2.41 13.10 -1.19
C GLU A 61 -3.05 11.75 -0.87
N LEU A 62 -2.88 10.82 -1.77
CA LEU A 62 -3.45 9.48 -1.55
C LEU A 62 -2.78 8.80 -0.38
N LEU A 63 -1.50 8.57 -0.51
CA LEU A 63 -0.76 7.91 0.60
C LEU A 63 -1.14 8.50 1.94
N LYS A 64 -1.33 9.79 1.97
CA LYS A 64 -1.71 10.44 3.25
C LYS A 64 -3.02 9.89 3.77
N ARG A 65 -4.00 9.80 2.90
CA ARG A 65 -5.32 9.27 3.34
C ARG A 65 -5.25 7.77 3.51
N VAL A 66 -4.60 7.14 2.58
CA VAL A 66 -4.47 5.68 2.66
C VAL A 66 -3.83 5.29 3.98
N GLU A 67 -2.70 5.87 4.25
CA GLU A 67 -2.00 5.55 5.52
C GLU A 67 -2.94 5.68 6.70
N ALA A 68 -3.61 6.80 6.80
CA ALA A 68 -4.55 6.99 7.93
C ALA A 68 -5.52 5.82 8.02
N ASP A 69 -6.28 5.64 6.99
CA ASP A 69 -7.26 4.53 7.00
C ASP A 69 -6.60 3.23 7.44
N LEU A 70 -5.28 3.19 7.37
CA LEU A 70 -4.57 1.94 7.78
C LEU A 70 -4.07 2.00 9.21
N VAL A 71 -3.57 3.13 9.63
CA VAL A 71 -3.08 3.20 11.04
C VAL A 71 -4.14 2.64 11.97
N GLU A 72 -5.35 2.56 11.46
CA GLU A 72 -6.46 2.03 12.30
C GLU A 72 -6.48 0.50 12.25
N TYR A 73 -5.89 -0.05 11.22
CA TYR A 73 -5.85 -1.53 11.09
C TYR A 73 -4.45 -2.01 10.72
N GLY A 74 -3.50 -1.13 10.83
CA GLY A 74 -2.10 -1.51 10.49
C GLY A 74 -1.13 -0.40 10.90
N THR A 75 0.00 -0.36 10.26
CA THR A 75 0.99 0.69 10.60
C THR A 75 2.03 0.83 9.50
N VAL A 76 2.76 1.90 9.53
CA VAL A 76 3.80 2.11 8.50
C VAL A 76 5.05 1.30 8.82
N GLU A 77 5.54 0.60 7.82
CA GLU A 77 6.77 -0.23 8.04
C GLU A 77 7.95 0.40 7.33
N GLN A 78 7.65 1.25 6.38
CA GLN A 78 8.74 1.91 5.64
C GLN A 78 8.26 3.22 5.05
N HIS A 79 8.72 4.31 5.62
CA HIS A 79 8.30 5.62 5.10
C HIS A 79 8.43 5.68 3.58
N PRO A 80 7.57 6.45 2.94
CA PRO A 80 7.61 6.58 1.49
C PRO A 80 8.95 7.14 1.01
N LYS A 81 9.47 6.57 -0.04
CA LYS A 81 10.76 7.04 -0.57
C LYS A 81 10.82 6.79 -2.06
N LEU A 82 11.61 7.55 -2.73
CA LEU A 82 11.73 7.38 -4.19
C LEU A 82 12.75 6.32 -4.55
N GLU A 83 12.35 5.40 -5.40
CA GLU A 83 13.27 4.31 -5.82
C GLU A 83 13.25 4.15 -7.33
N GLY A 84 14.35 4.50 -7.95
CA GLY A 84 14.41 4.38 -9.43
C GLY A 84 13.32 5.24 -10.08
N ARG A 85 12.48 4.59 -10.86
CA ARG A 85 11.39 5.33 -11.54
C ARG A 85 10.03 4.91 -10.99
N GLN A 86 9.99 4.56 -9.73
CA GLN A 86 8.70 4.13 -9.14
C GLN A 86 8.60 4.53 -7.68
N LEU A 87 7.38 4.68 -7.24
CA LEU A 87 7.16 5.06 -5.83
C LEU A 87 6.72 3.82 -5.08
N MET A 88 7.21 3.65 -3.89
CA MET A 88 6.81 2.44 -3.13
C MET A 88 6.68 2.71 -1.63
N MET A 89 5.67 2.09 -1.06
CA MET A 89 5.42 2.26 0.39
C MET A 89 5.08 0.91 0.98
N VAL A 90 5.41 0.73 2.23
CA VAL A 90 5.12 -0.56 2.90
C VAL A 90 4.21 -0.38 4.11
N ILE A 91 3.33 -1.34 4.32
CA ILE A 91 2.38 -1.28 5.47
C ILE A 91 2.43 -2.56 6.29
N ALA A 92 2.55 -2.41 7.59
CA ALA A 92 2.60 -3.61 8.46
C ALA A 92 1.21 -3.89 9.08
N PRO A 93 0.88 -5.17 9.24
CA PRO A 93 -0.41 -5.56 9.82
C PRO A 93 -0.50 -5.19 11.29
N LYS A 94 -1.60 -5.58 11.91
CA LYS A 94 -1.80 -5.27 13.35
C LYS A 94 -1.90 -6.56 14.16
N LYS A 95 -2.95 -7.30 13.91
CA LYS A 95 -3.13 -8.58 14.64
C LYS A 95 -3.01 -8.37 16.15
N LYS A 96 -2.96 -9.46 16.87
CA LYS A 96 -2.84 -9.38 18.36
C LYS A 96 -1.79 -10.36 18.86
N LYS A 97 -1.82 -10.63 20.13
CA LYS A 97 -0.83 -11.59 20.70
C LYS A 97 -1.18 -11.91 22.16
#